data_7N77
#
_entry.id   7N77
#
_cell.length_a   1.00
_cell.length_b   1.00
_cell.length_c   1.00
_cell.angle_alpha   90.00
_cell.angle_beta   90.00
_cell.angle_gamma   90.00
#
_symmetry.space_group_name_H-M   'P 1'
#
loop_
_entity.id
_entity.type
_entity.pdbx_description
1 polymer 'Isoform 3 of Polyamine-transporting ATPase 13A2'
2 non-polymer 'TETRAFLUOROALUMINATE ION'
3 non-polymer 'MAGNESIUM ION'
4 non-polymer 'CHOLESTEROL HEMISUCCINATE'
5 water water
#
_entity_poly.entity_id   1
_entity_poly.type   'polypeptide(L)'
_entity_poly.pdbx_seq_one_letter_code
;MSADSSPLVGSTPTGYGTLTIGTSIDPLSSSVSSVRLSGYCGSPWRVIGYHVVVWMMAGIPLLLFRWKPLWGVRLRLRPC
NLAHAETLVIEIRDKEDSSWQLFTVQVQTEAIGEGSLEPSPQSQAEDGRSQAAVGAVPEGAWKDTAQLHKSEEAKRVLRY
YLFQGQRYIWIETQQAFYQVSLLDHGRSCDDVHRSRHGLSLQDQMVRKAIYGPNVISIPVKSYPQLLVDEALNPYYGFQA
FSIALWLADHYYWYALCIFLISSISICLSLYKTRKQSQTLRDMVKLSMRVCVCRPGGEEEWVDSSELVPGDCLVLPQEGG
LMPCDAALVAGECMVNESSLTGESIPVLKTALPEGLGPYCAETHRRHTLFCGTLILQARAYVGPHVLAVVTRTGFCTAKG
GLVSSILHPRPINFKFYKHSMKFVAALSVLALLGTIYSIFILYRNRVPLNEIVIRALNLVTVVVPPALPAAMTVCTLYAQ
SRLRRQGIFCIHPLRINLGGKLQLVCFDKTGTLTEDGLDVMGVVPLKGQAFLPLVPEPRRLPVGPLLRALATCHALSRLQ
DTPVGDPMDLKMVESTGWVLEEEPAADSAFGTQVLAVMRPPLWEPQLQAMEEPPVPVSVLHRFPFSSALQRMSVVVAWPG
ATQPEAYVKGSPELVAGLCNPETVPTDFAQMLQSYTAAGYRVVALASKPLPTVPSLEAAQQLTRDTVEGDLSLLGLLVMR
NLLKPQTTPVIQALRRTRIRAVMVTGDNLQTAVTVARGCGMVAPQEHLIIVHATHPERGQPASLEFLPMESPTAVNGVKD
PDQAASYTVEPDPRSRHLALSGPTFGIIVKHFPKLLPKVLVQGTVFARMAPEQKTELVCELQKLQYCVGMCGDGANDCGA
LKAADVGISLSQAEASVVSPFTSSMASIECVPMVIREGRCSLDTSFSVFKYMALYSLTQFISVLILYTINTNLGDLQFLA
INLVITTTVAVLMSRTGPALVLGRVRPPGALLSVPVLSSLLLQMVLVTGVQLGGYFLTLAQPWFVPLNRTVAAPDNLPNY
ENTVVFSLSSFQYLILAAAVSKGAPFRRPLYTNVPFLVALALLSSVLVGLVLVPGLLQGPLALRNITDTGFKLLLLGLVT
LNFVGAFMLESVLDQCLPACLRRLRPKRASKKRFKQLERELAEQPWPPLPAGPLR
;
_entity_poly.pdbx_strand_id   A
#
loop_
_chem_comp.id
_chem_comp.type
_chem_comp.name
_chem_comp.formula
ALF non-polymer 'TETRAFLUOROALUMINATE ION' 'Al F4 -1'
MG non-polymer 'MAGNESIUM ION' 'Mg 2'
Y01 non-polymer 'CHOLESTEROL HEMISUCCINATE' 'C31 H50 O4'
#
# COMPACT_ATOMS: atom_id res chain seq x y z
N SER A 34 17.93 12.86 10.69
CA SER A 34 18.08 14.22 11.22
C SER A 34 17.69 15.25 10.16
N VAL A 35 17.62 16.52 10.57
CA VAL A 35 17.25 17.61 9.71
C VAL A 35 18.27 18.74 9.87
N ARG A 36 18.15 19.75 9.03
CA ARG A 36 19.01 20.93 9.12
C ARG A 36 18.31 22.11 8.45
N LEU A 37 18.49 23.30 9.02
CA LEU A 37 17.90 24.51 8.50
C LEU A 37 18.97 25.48 8.03
N SER A 38 18.57 26.43 7.20
CA SER A 38 19.51 27.42 6.68
C SER A 38 18.71 28.59 6.12
N GLY A 39 19.02 29.80 6.57
CA GLY A 39 18.29 30.98 6.15
C GLY A 39 18.99 31.70 5.00
N TYR A 40 18.17 32.19 4.07
CA TYR A 40 18.67 32.88 2.88
C TYR A 40 17.93 34.20 2.74
N CYS A 41 18.45 35.24 3.39
CA CYS A 41 17.84 36.56 3.31
C CYS A 41 17.84 37.05 1.86
N GLY A 42 16.71 37.60 1.43
CA GLY A 42 16.51 37.84 0.02
C GLY A 42 17.32 39.02 -0.51
N SER A 43 17.58 38.97 -1.85
CA SER A 43 18.26 40.06 -2.53
C SER A 43 17.93 39.90 -4.03
N PRO A 44 17.55 40.98 -4.72
CA PRO A 44 17.08 40.83 -6.11
C PRO A 44 18.20 40.70 -7.13
N TRP A 45 19.35 41.34 -6.86
CA TRP A 45 20.45 41.32 -7.81
C TRP A 45 20.96 39.90 -8.04
N ARG A 46 21.15 39.13 -6.96
CA ARG A 46 21.59 37.76 -7.09
C ARG A 46 20.57 36.93 -7.86
N VAL A 47 19.28 37.15 -7.58
CA VAL A 47 18.23 36.40 -8.25
C VAL A 47 18.22 36.65 -9.75
N ILE A 48 18.30 37.92 -10.15
CA ILE A 48 18.25 38.23 -11.56
C ILE A 48 19.52 37.75 -12.26
N GLY A 49 20.67 37.84 -11.59
CA GLY A 49 21.89 37.27 -12.16
C GLY A 49 21.78 35.78 -12.37
N TYR A 50 21.26 35.07 -11.37
CA TYR A 50 21.02 33.64 -11.51
C TYR A 50 20.11 33.33 -12.69
N HIS A 51 19.00 34.06 -12.80
CA HIS A 51 18.05 33.79 -13.87
C HIS A 51 18.66 34.02 -15.24
N VAL A 52 19.35 35.14 -15.42
CA VAL A 52 19.93 35.44 -16.73
C VAL A 52 21.04 34.44 -17.05
N VAL A 53 21.85 34.06 -16.07
CA VAL A 53 22.93 33.10 -16.33
C VAL A 53 22.34 31.76 -16.76
N VAL A 54 21.34 31.28 -16.02
CA VAL A 54 20.81 29.95 -16.32
C VAL A 54 20.10 29.98 -17.68
N TRP A 55 19.35 31.04 -17.98
CA TRP A 55 18.62 31.10 -19.23
C TRP A 55 19.56 31.23 -20.43
N MET A 56 20.56 32.11 -20.33
CA MET A 56 21.43 32.36 -21.47
C MET A 56 22.43 31.22 -21.69
N MET A 57 23.01 30.68 -20.63
CA MET A 57 24.13 29.75 -20.77
C MET A 57 23.73 28.49 -21.51
N ALA A 58 22.88 27.67 -20.90
CA ALA A 58 22.48 26.38 -21.48
C ALA A 58 21.45 25.68 -20.61
N GLY A 59 20.94 24.54 -21.07
CA GLY A 59 20.06 23.72 -20.26
C GLY A 59 20.83 22.74 -19.40
N ILE A 60 22.10 22.50 -19.76
CA ILE A 60 22.94 21.58 -18.97
C ILE A 60 23.12 22.09 -17.55
N PRO A 61 23.40 23.38 -17.29
CA PRO A 61 23.44 23.83 -15.88
C PRO A 61 22.13 23.57 -15.15
N LEU A 62 20.99 23.75 -15.83
CA LEU A 62 19.70 23.43 -15.21
C LEU A 62 19.58 21.93 -14.93
N LEU A 63 20.13 21.10 -15.81
CA LEU A 63 20.08 19.66 -15.58
C LEU A 63 20.91 19.27 -14.35
N LEU A 64 22.13 19.78 -14.26
CA LEU A 64 22.94 19.48 -13.08
C LEU A 64 22.39 20.14 -11.83
N PHE A 65 21.62 21.22 -11.99
CA PHE A 65 20.93 21.81 -10.85
C PHE A 65 19.82 20.91 -10.35
N ARG A 66 18.97 20.40 -11.25
CA ARG A 66 17.92 19.49 -10.81
C ARG A 66 18.50 18.15 -10.36
N TRP A 67 19.75 17.85 -10.71
CA TRP A 67 20.43 16.70 -10.13
C TRP A 67 21.16 17.05 -8.83
N LYS A 68 21.69 18.27 -8.72
CA LYS A 68 22.40 18.73 -7.52
C LYS A 68 21.80 20.07 -7.10
N PRO A 69 20.67 20.06 -6.38
CA PRO A 69 19.98 21.31 -6.09
C PRO A 69 20.62 22.14 -4.98
N LEU A 70 21.42 21.56 -4.10
CA LEU A 70 22.10 22.34 -3.05
C LEU A 70 23.02 23.40 -3.62
N TRP A 71 23.81 23.04 -4.62
CA TRP A 71 24.66 24.03 -5.28
C TRP A 71 23.82 25.11 -5.94
N GLY A 72 22.72 24.71 -6.58
CA GLY A 72 21.86 25.69 -7.22
C GLY A 72 21.28 26.69 -6.24
N VAL A 73 20.71 26.22 -5.14
CA VAL A 73 20.15 27.12 -4.13
C VAL A 73 21.21 27.97 -3.47
N ARG A 74 22.40 27.41 -3.25
CA ARG A 74 23.48 28.22 -2.71
C ARG A 74 23.87 29.33 -3.66
N LEU A 75 23.88 29.05 -4.97
CA LEU A 75 24.21 30.08 -5.94
C LEU A 75 23.08 31.11 -6.08
N ARG A 76 21.82 30.70 -5.88
CA ARG A 76 20.70 31.62 -6.07
C ARG A 76 20.75 32.75 -5.05
N LEU A 77 21.04 32.46 -3.79
CA LEU A 77 20.85 33.46 -2.76
C LEU A 77 21.84 33.23 -1.63
N ARG A 78 22.09 34.29 -0.87
CA ARG A 78 23.12 34.32 0.17
C ARG A 78 22.64 33.64 1.44
N PRO A 79 23.43 32.77 2.06
CA PRO A 79 23.08 32.25 3.38
C PRO A 79 22.97 33.36 4.41
N CYS A 80 22.08 33.17 5.38
CA CYS A 80 21.81 34.16 6.40
C CYS A 80 21.43 33.46 7.70
N ASN A 81 21.38 34.24 8.77
CA ASN A 81 20.96 33.72 10.07
C ASN A 81 19.49 33.33 10.00
N LEU A 82 19.15 32.22 10.69
CA LEU A 82 17.81 31.66 10.60
C LEU A 82 16.74 32.62 11.09
N ALA A 83 17.10 33.62 11.89
CA ALA A 83 16.14 34.62 12.34
C ALA A 83 15.88 35.69 11.29
N HIS A 84 16.63 35.70 10.18
CA HIS A 84 16.45 36.65 9.10
C HIS A 84 16.02 35.97 7.81
N ALA A 85 15.64 34.70 7.88
CA ALA A 85 15.42 33.89 6.68
C ALA A 85 14.21 34.39 5.90
N GLU A 86 14.24 34.14 4.60
CA GLU A 86 13.07 34.18 3.76
C GLU A 86 12.99 32.92 2.89
N THR A 87 13.85 31.94 3.15
CA THR A 87 13.83 30.66 2.43
C THR A 87 14.59 29.61 3.23
N LEU A 88 13.96 28.46 3.43
CA LEU A 88 14.58 27.38 4.18
C LEU A 88 15.13 26.33 3.22
N VAL A 89 15.97 25.44 3.77
CA VAL A 89 16.41 24.24 3.08
C VAL A 89 16.16 23.08 4.04
N ILE A 90 15.02 22.42 3.88
CA ILE A 90 14.64 21.32 4.75
C ILE A 90 15.31 20.05 4.25
N GLU A 91 15.95 19.32 5.15
CA GLU A 91 16.65 18.09 4.82
C GLU A 91 16.18 16.98 5.75
N ILE A 92 16.20 15.75 5.23
CA ILE A 92 15.59 14.61 5.91
C ILE A 92 16.61 13.50 6.10
N TRP A 100 20.45 12.02 2.32
CA TRP A 100 19.96 13.36 2.64
C TRP A 100 19.22 13.97 1.45
N GLN A 101 17.96 14.34 1.68
CA GLN A 101 17.13 14.95 0.66
C GLN A 101 17.11 16.46 0.83
N LEU A 102 16.80 17.16 -0.26
CA LEU A 102 16.82 18.62 -0.27
C LEU A 102 15.45 19.15 -0.65
N PHE A 103 14.90 20.02 0.18
CA PHE A 103 13.63 20.69 -0.07
C PHE A 103 13.80 22.18 0.18
N THR A 104 13.06 22.99 -0.57
CA THR A 104 13.07 24.44 -0.39
C THR A 104 11.67 24.90 -0.06
N VAL A 105 11.49 25.51 1.11
CA VAL A 105 10.22 26.09 1.51
C VAL A 105 10.43 27.58 1.73
N GLN A 106 9.35 28.34 1.79
CA GLN A 106 9.45 29.79 1.93
C GLN A 106 8.89 30.21 3.28
N VAL A 107 9.63 31.06 3.98
CA VAL A 107 9.20 31.60 5.25
C VAL A 107 8.27 32.78 5.00
N GLN A 108 7.05 32.69 5.52
CA GLN A 108 6.04 33.72 5.32
C GLN A 108 5.57 34.25 6.67
N THR A 109 4.97 35.44 6.64
CA THR A 109 4.59 36.14 7.86
C THR A 109 3.15 36.60 7.75
N GLU A 110 2.58 36.94 8.91
CA GLU A 110 1.22 37.46 8.98
C GLU A 110 1.09 38.49 10.10
N VAL A 157 5.56 39.41 15.96
CA VAL A 157 5.12 39.07 14.62
C VAL A 157 5.15 37.56 14.42
N LEU A 158 4.26 37.05 13.59
CA LEU A 158 4.18 35.62 13.30
C LEU A 158 4.82 35.36 11.95
N ARG A 159 5.90 34.58 11.95
CA ARG A 159 6.61 34.22 10.72
C ARG A 159 6.75 32.71 10.71
N TYR A 160 6.05 32.05 9.80
CA TYR A 160 5.91 30.60 9.82
C TYR A 160 6.15 30.04 8.45
N TYR A 161 6.44 28.74 8.39
CA TYR A 161 6.62 28.04 7.13
C TYR A 161 5.92 26.69 7.20
N LEU A 162 5.38 26.24 6.07
CA LEU A 162 4.66 24.98 5.98
C LEU A 162 5.54 23.97 5.26
N PHE A 163 5.99 22.95 5.98
CA PHE A 163 6.76 21.86 5.40
C PHE A 163 5.91 20.60 5.37
N GLN A 164 5.70 20.05 4.18
CA GLN A 164 4.85 18.88 3.99
C GLN A 164 3.44 19.13 4.52
N GLY A 165 3.03 20.40 4.55
CA GLY A 165 1.74 20.79 5.05
C GLY A 165 1.68 21.04 6.55
N GLN A 166 2.67 20.57 7.30
CA GLN A 166 2.72 20.82 8.73
C GLN A 166 3.28 22.20 8.99
N ARG A 167 2.59 22.98 9.82
CA ARG A 167 3.06 24.32 10.13
C ARG A 167 4.30 24.27 11.00
N TYR A 168 5.08 25.35 10.97
CA TYR A 168 6.13 25.58 11.93
C TYR A 168 6.18 27.08 12.17
N ILE A 169 6.22 27.51 13.42
CA ILE A 169 6.12 28.93 13.71
C ILE A 169 7.41 29.41 14.37
N TRP A 170 7.61 30.73 14.33
CA TRP A 170 8.80 31.37 14.86
C TRP A 170 8.60 31.65 16.34
N ILE A 171 9.13 30.79 17.19
CA ILE A 171 9.08 31.00 18.63
C ILE A 171 10.16 32.01 18.98
N GLU A 172 9.76 33.25 19.31
CA GLU A 172 10.73 34.31 19.53
C GLU A 172 11.67 34.00 20.68
N THR A 173 11.14 33.45 21.77
CA THR A 173 11.96 33.23 22.96
C THR A 173 13.08 32.23 22.70
N GLN A 174 12.79 31.16 21.98
CA GLN A 174 13.79 30.14 21.69
C GLN A 174 14.52 30.38 20.38
N GLN A 175 14.12 31.37 19.60
CA GLN A 175 14.80 31.73 18.35
C GLN A 175 14.89 30.55 17.38
N ALA A 176 13.86 29.71 17.33
CA ALA A 176 13.85 28.56 16.46
C ALA A 176 12.44 28.34 15.93
N PHE A 177 12.34 27.48 14.91
CA PHE A 177 11.06 27.10 14.33
C PHE A 177 10.55 25.84 15.05
N TYR A 178 9.54 26.01 15.90
CA TYR A 178 8.89 24.90 16.59
C TYR A 178 7.56 24.59 15.91
N GLN A 179 7.34 23.31 15.61
CA GLN A 179 6.11 22.90 14.97
C GLN A 179 4.91 23.28 15.82
N VAL A 180 3.75 23.42 15.17
CA VAL A 180 2.54 23.79 15.92
C VAL A 180 1.93 22.59 16.63
N SER A 181 2.26 21.38 16.23
CA SER A 181 1.82 20.22 16.99
C SER A 181 2.43 20.18 18.39
N LEU A 182 3.37 21.07 18.69
CA LEU A 182 4.06 21.09 19.97
C LEU A 182 3.85 22.39 20.75
N LEU A 183 2.96 23.28 20.30
CA LEU A 183 2.71 24.50 21.05
C LEU A 183 2.11 24.20 22.42
N ASP A 184 0.91 23.63 22.45
CA ASP A 184 0.22 23.30 23.69
C ASP A 184 0.40 21.84 24.09
N HIS A 185 1.17 21.07 23.32
CA HIS A 185 1.43 19.68 23.64
C HIS A 185 2.05 19.57 25.02
N GLY A 186 1.36 18.86 25.91
CA GLY A 186 1.78 18.73 27.28
C GLY A 186 0.90 19.42 28.30
N ARG A 187 -0.40 19.56 28.01
CA ARG A 187 -1.34 20.16 28.95
C ARG A 187 -2.16 19.07 29.62
N SER A 188 -2.57 19.33 30.85
CA SER A 188 -3.23 18.34 31.68
C SER A 188 -4.73 18.31 31.41
N CYS A 189 -5.35 17.18 31.78
CA CYS A 189 -6.79 17.02 31.59
C CYS A 189 -7.59 18.10 32.30
N ASP A 190 -7.06 18.62 33.41
CA ASP A 190 -7.75 19.70 34.10
C ASP A 190 -7.79 20.96 33.24
N ASP A 191 -6.77 21.19 32.43
CA ASP A 191 -6.80 22.33 31.51
C ASP A 191 -7.83 22.12 30.41
N VAL A 192 -7.93 20.88 29.89
CA VAL A 192 -8.96 20.56 28.91
C VAL A 192 -10.35 20.83 29.50
N HIS A 193 -10.56 20.42 30.75
CA HIS A 193 -11.85 20.67 31.40
C HIS A 193 -12.06 22.15 31.69
N ARG A 194 -10.98 22.89 31.94
CA ARG A 194 -11.12 24.33 32.18
C ARG A 194 -11.51 25.07 30.91
N SER A 195 -11.01 24.61 29.76
CA SER A 195 -11.39 25.22 28.48
C SER A 195 -12.83 24.87 28.06
N ARG A 196 -13.60 24.24 28.95
CA ARG A 196 -14.99 23.91 28.62
C ARG A 196 -15.82 25.15 28.32
N HIS A 197 -15.52 26.28 28.95
CA HIS A 197 -16.33 27.47 28.75
C HIS A 197 -16.10 28.09 27.39
N GLY A 198 -15.05 27.70 26.68
CA GLY A 198 -14.85 28.13 25.31
C GLY A 198 -13.63 28.99 25.08
N LEU A 199 -13.64 29.74 23.98
CA LEU A 199 -12.52 30.58 23.61
C LEU A 199 -13.05 31.89 23.03
N SER A 200 -12.60 33.00 23.60
CA SER A 200 -13.07 34.31 23.16
C SER A 200 -12.55 34.63 21.77
N LEU A 201 -13.35 35.39 21.02
CA LEU A 201 -13.02 35.69 19.62
C LEU A 201 -11.66 36.37 19.51
N GLN A 202 -11.31 37.21 20.48
CA GLN A 202 -10.01 37.89 20.43
C GLN A 202 -8.87 36.90 20.61
N ASP A 203 -9.10 35.82 21.37
CA ASP A 203 -8.10 34.76 21.47
C ASP A 203 -8.24 33.76 20.34
N GLN A 204 -9.45 33.58 19.81
CA GLN A 204 -9.64 32.69 18.68
C GLN A 204 -8.93 33.20 17.45
N MET A 205 -8.85 34.51 17.26
CA MET A 205 -8.11 35.04 16.11
C MET A 205 -6.61 34.74 16.25
N VAL A 206 -6.08 34.82 17.48
CA VAL A 206 -4.67 34.52 17.68
C VAL A 206 -4.40 33.04 17.43
N ARG A 207 -5.23 32.15 17.99
CA ARG A 207 -5.03 30.73 17.75
C ARG A 207 -5.31 30.33 16.32
N LYS A 208 -6.10 31.11 15.58
CA LYS A 208 -6.29 30.83 14.16
C LYS A 208 -5.13 31.34 13.34
N ALA A 209 -4.48 32.42 13.78
CA ALA A 209 -3.23 32.82 13.14
C ALA A 209 -2.14 31.79 13.34
N ILE A 210 -2.02 31.25 14.56
CA ILE A 210 -0.97 30.28 14.83
C ILE A 210 -1.28 28.94 14.17
N TYR A 211 -2.38 28.30 14.57
CA TYR A 211 -2.68 26.95 14.11
C TYR A 211 -3.25 26.90 12.70
N GLY A 212 -3.66 28.04 12.14
CA GLY A 212 -4.13 28.11 10.78
C GLY A 212 -5.54 27.59 10.60
N PRO A 213 -6.02 27.58 9.36
CA PRO A 213 -7.38 27.12 9.09
C PRO A 213 -7.51 25.62 9.32
N ASN A 214 -8.70 25.23 9.75
CA ASN A 214 -9.02 23.83 10.02
C ASN A 214 -9.52 23.13 8.76
N VAL A 215 -8.65 23.07 7.76
CA VAL A 215 -8.91 22.35 6.52
C VAL A 215 -7.68 21.56 6.13
N ILE A 216 -7.90 20.35 5.64
CA ILE A 216 -6.80 19.55 5.06
C ILE A 216 -6.73 19.95 3.60
N SER A 217 -6.04 21.07 3.35
CA SER A 217 -6.05 21.71 2.04
C SER A 217 -5.14 20.94 1.09
N ILE A 218 -5.73 20.06 0.29
CA ILE A 218 -4.99 19.43 -0.80
C ILE A 218 -4.75 20.47 -1.88
N PRO A 219 -3.49 20.75 -2.23
CA PRO A 219 -3.22 21.86 -3.16
C PRO A 219 -3.87 21.63 -4.51
N VAL A 220 -4.51 22.68 -5.03
CA VAL A 220 -5.15 22.65 -6.33
C VAL A 220 -4.19 23.27 -7.35
N LYS A 221 -3.85 22.50 -8.37
CA LYS A 221 -2.93 22.92 -9.41
C LYS A 221 -3.68 23.01 -10.73
N SER A 222 -3.58 24.17 -11.38
CA SER A 222 -4.22 24.35 -12.67
C SER A 222 -3.47 23.59 -13.75
N TYR A 223 -4.15 23.35 -14.87
CA TYR A 223 -3.52 22.65 -15.99
C TYR A 223 -2.21 23.28 -16.44
N PRO A 224 -2.07 24.61 -16.52
CA PRO A 224 -0.73 25.16 -16.83
C PRO A 224 0.33 24.77 -15.81
N GLN A 225 -0.01 24.79 -14.52
CA GLN A 225 0.97 24.38 -13.50
C GLN A 225 1.38 22.93 -13.70
N LEU A 226 0.42 22.06 -14.02
CA LEU A 226 0.73 20.67 -14.29
C LEU A 226 1.67 20.55 -15.50
N LEU A 227 1.34 21.27 -16.58
CA LEU A 227 2.19 21.21 -17.76
C LEU A 227 3.62 21.64 -17.44
N VAL A 228 3.78 22.72 -16.68
CA VAL A 228 5.12 23.13 -16.27
C VAL A 228 5.77 22.05 -15.40
N ASP A 229 4.96 21.31 -14.65
CA ASP A 229 5.51 20.23 -13.83
C ASP A 229 6.09 19.10 -14.70
N GLU A 230 5.30 18.59 -15.66
CA GLU A 230 5.79 17.48 -16.48
C GLU A 230 6.64 17.94 -17.65
N ALA A 231 6.17 18.94 -18.41
CA ALA A 231 6.84 19.30 -19.67
C ALA A 231 8.20 19.93 -19.45
N LEU A 232 8.61 20.17 -18.21
CA LEU A 232 9.96 20.65 -17.94
C LEU A 232 10.92 19.52 -17.60
N ASN A 233 10.49 18.28 -17.74
CA ASN A 233 11.39 17.15 -17.58
C ASN A 233 12.50 17.25 -18.63
N PRO A 234 13.74 16.91 -18.31
CA PRO A 234 14.79 16.91 -19.34
C PRO A 234 14.50 15.96 -20.48
N TYR A 235 13.67 14.93 -20.25
CA TYR A 235 13.29 14.06 -21.35
C TYR A 235 12.48 14.81 -22.40
N TYR A 236 11.45 15.53 -21.97
CA TYR A 236 10.65 16.28 -22.93
C TYR A 236 11.42 17.47 -23.49
N GLY A 237 12.37 18.01 -22.72
CA GLY A 237 13.27 19.00 -23.28
C GLY A 237 14.08 18.45 -24.44
N PHE A 238 14.68 17.28 -24.25
CA PHE A 238 15.39 16.62 -25.34
C PHE A 238 14.46 16.28 -26.49
N GLN A 239 13.20 15.95 -26.19
CA GLN A 239 12.25 15.63 -27.25
C GLN A 239 11.94 16.87 -28.09
N ALA A 240 11.77 18.02 -27.44
CA ALA A 240 11.54 19.26 -28.21
C ALA A 240 12.80 19.65 -28.98
N PHE A 241 13.97 19.43 -28.39
CA PHE A 241 15.21 19.65 -29.13
C PHE A 241 15.27 18.77 -30.37
N SER A 242 14.85 17.51 -30.24
CA SER A 242 14.84 16.60 -31.38
C SER A 242 13.81 17.03 -32.42
N ILE A 243 12.65 17.53 -31.98
CA ILE A 243 11.66 18.04 -32.91
C ILE A 243 12.23 19.17 -33.74
N ALA A 244 12.89 20.12 -33.07
CA ALA A 244 13.52 21.22 -33.79
C ALA A 244 14.61 20.72 -34.72
N LEU A 245 15.40 19.75 -34.25
CA LEU A 245 16.49 19.19 -35.05
C LEU A 245 15.97 18.56 -36.34
N TRP A 246 14.89 17.79 -36.24
CA TRP A 246 14.30 17.16 -37.41
C TRP A 246 13.67 18.18 -38.34
N LEU A 247 12.92 19.14 -37.78
CA LEU A 247 12.33 20.19 -38.61
C LEU A 247 13.40 20.97 -39.36
N ALA A 248 14.58 21.11 -38.76
CA ALA A 248 15.71 21.72 -39.46
C ALA A 248 16.30 20.80 -40.52
N ASP A 249 15.74 19.60 -40.69
CA ASP A 249 16.17 18.66 -41.72
C ASP A 249 15.05 18.38 -42.72
N HIS A 250 13.92 19.06 -42.60
CA HIS A 250 12.79 18.94 -43.52
C HIS A 250 12.11 17.58 -43.44
N TYR A 251 12.29 16.88 -42.32
CA TYR A 251 11.49 15.71 -41.98
C TYR A 251 10.33 16.20 -41.12
N TYR A 252 9.36 16.84 -41.76
CA TYR A 252 8.26 17.45 -41.02
C TYR A 252 7.38 16.38 -40.38
N TRP A 253 7.13 15.29 -41.08
CA TRP A 253 6.21 14.28 -40.57
C TRP A 253 6.77 13.55 -39.37
N TYR A 254 8.09 13.31 -39.34
CA TYR A 254 8.68 12.70 -38.17
C TYR A 254 8.64 13.64 -36.98
N ALA A 255 8.78 14.95 -37.21
CA ALA A 255 8.67 15.89 -36.11
C ALA A 255 7.25 15.94 -35.58
N LEU A 256 6.26 15.89 -36.47
CA LEU A 256 4.87 15.79 -36.03
C LEU A 256 4.64 14.51 -35.24
N CYS A 257 5.27 13.42 -35.65
CA CYS A 257 5.18 12.17 -34.92
C CYS A 257 5.73 12.31 -33.50
N ILE A 258 6.94 12.89 -33.38
CA ILE A 258 7.53 13.04 -32.06
C ILE A 258 6.68 13.95 -31.19
N PHE A 259 6.15 15.03 -31.77
CA PHE A 259 5.28 15.93 -31.01
C PHE A 259 4.03 15.22 -30.54
N LEU A 260 3.43 14.38 -31.39
CA LEU A 260 2.21 13.68 -30.99
C LEU A 260 2.48 12.67 -29.90
N ILE A 261 3.60 11.94 -29.99
CA ILE A 261 3.91 10.96 -28.95
C ILE A 261 4.22 11.65 -27.63
N SER A 262 4.97 12.74 -27.67
CA SER A 262 5.25 13.47 -26.42
C SER A 262 4.00 14.10 -25.86
N SER A 263 3.09 14.56 -26.71
CA SER A 263 1.81 15.07 -26.23
C SER A 263 1.00 13.98 -25.56
N ILE A 264 0.99 12.79 -26.13
CA ILE A 264 0.28 11.67 -25.50
C ILE A 264 0.89 11.34 -24.15
N SER A 265 2.22 11.34 -24.07
CA SER A 265 2.88 11.06 -22.80
C SER A 265 2.55 12.11 -21.75
N ILE A 266 2.52 13.39 -22.14
CA ILE A 266 2.20 14.46 -21.21
C ILE A 266 0.76 14.36 -20.75
N CYS A 267 -0.16 14.09 -21.67
CA CYS A 267 -1.56 13.92 -21.26
C CYS A 267 -1.74 12.74 -20.33
N LEU A 268 -0.97 11.67 -20.54
CA LEU A 268 -1.07 10.52 -19.66
C LEU A 268 -0.56 10.85 -18.25
N SER A 269 0.61 11.48 -18.17
CA SER A 269 1.14 11.86 -16.86
C SER A 269 0.20 12.82 -16.14
N LEU A 270 -0.34 13.79 -16.88
CA LEU A 270 -1.26 14.75 -16.28
C LEU A 270 -2.53 14.08 -15.81
N TYR A 271 -3.04 13.12 -16.59
CA TYR A 271 -4.24 12.39 -16.17
C TYR A 271 -3.99 11.61 -14.90
N LYS A 272 -2.85 10.91 -14.83
CA LYS A 272 -2.51 10.16 -13.62
C LYS A 272 -2.46 11.07 -12.40
N THR A 273 -1.70 12.17 -12.51
CA THR A 273 -1.56 13.09 -11.38
C THR A 273 -2.91 13.68 -10.97
N ARG A 274 -3.70 14.14 -11.94
CA ARG A 274 -4.99 14.74 -11.65
C ARG A 274 -5.93 13.71 -11.01
N LYS A 275 -5.86 12.46 -11.44
CA LYS A 275 -6.70 11.42 -10.86
C LYS A 275 -6.34 11.18 -9.41
N GLN A 276 -5.05 11.09 -9.09
CA GLN A 276 -4.65 10.91 -7.70
C GLN A 276 -5.09 12.09 -6.84
N SER A 277 -4.85 13.31 -7.32
CA SER A 277 -5.23 14.49 -6.55
C SER A 277 -6.74 14.58 -6.36
N GLN A 278 -7.50 14.19 -7.39
CA GLN A 278 -8.95 14.21 -7.27
C GLN A 278 -9.43 13.18 -6.26
N THR A 279 -8.85 11.98 -6.28
CA THR A 279 -9.18 10.97 -5.28
C THR A 279 -8.97 11.50 -3.87
N LEU A 280 -7.79 12.07 -3.60
CA LEU A 280 -7.49 12.58 -2.26
C LEU A 280 -8.43 13.72 -1.88
N ARG A 281 -8.55 14.72 -2.75
CA ARG A 281 -9.37 15.89 -2.43
C ARG A 281 -10.83 15.51 -2.23
N ASP A 282 -11.29 14.46 -2.91
CA ASP A 282 -12.64 13.96 -2.68
C ASP A 282 -12.70 13.24 -1.33
N MET A 283 -11.64 12.53 -0.96
CA MET A 283 -11.64 11.75 0.27
C MET A 283 -11.65 12.65 1.50
N VAL A 284 -10.95 13.77 1.46
CA VAL A 284 -10.75 14.56 2.67
C VAL A 284 -11.54 15.87 2.63
N LYS A 285 -12.64 15.90 1.89
CA LYS A 285 -13.45 17.10 1.74
C LYS A 285 -14.62 17.05 2.72
N LEU A 286 -14.53 17.85 3.77
CA LEU A 286 -15.66 18.04 4.68
C LEU A 286 -15.68 19.49 5.12
N SER A 287 -16.85 20.13 4.99
CA SER A 287 -17.03 21.50 5.43
C SER A 287 -18.48 21.65 5.87
N MET A 288 -18.69 22.09 7.10
CA MET A 288 -20.01 22.12 7.70
C MET A 288 -20.11 23.32 8.64
N ARG A 289 -21.25 23.42 9.31
CA ARG A 289 -21.48 24.44 10.32
C ARG A 289 -21.70 23.75 11.65
N VAL A 290 -20.83 24.02 12.62
CA VAL A 290 -20.89 23.38 13.93
C VAL A 290 -20.98 24.48 15.00
N CYS A 291 -21.90 24.30 15.94
CA CYS A 291 -22.06 25.28 17.00
C CYS A 291 -20.85 25.25 17.92
N VAL A 292 -20.43 26.44 18.37
CA VAL A 292 -19.22 26.61 19.16
C VAL A 292 -19.58 27.26 20.48
N CYS A 293 -18.97 26.79 21.57
CA CYS A 293 -19.21 27.32 22.90
C CYS A 293 -18.34 28.54 23.10
N ARG A 294 -18.95 29.72 23.04
CA ARG A 294 -18.25 30.95 23.36
C ARG A 294 -18.14 31.11 24.87
N PRO A 295 -17.20 31.93 25.35
CA PRO A 295 -17.08 32.13 26.80
C PRO A 295 -18.27 32.91 27.35
N GLY A 296 -18.76 32.48 28.50
CA GLY A 296 -19.94 33.07 29.11
C GLY A 296 -21.23 32.36 28.78
N GLY A 297 -21.25 31.48 27.79
CA GLY A 297 -22.41 30.67 27.49
C GLY A 297 -23.28 31.14 26.35
N GLU A 298 -22.77 31.98 25.46
CA GLU A 298 -23.52 32.40 24.28
C GLU A 298 -23.10 31.53 23.11
N GLU A 299 -23.80 30.39 22.95
CA GLU A 299 -23.47 29.44 21.90
C GLU A 299 -23.58 30.09 20.53
N GLU A 300 -22.50 30.02 19.76
CA GLU A 300 -22.42 30.67 18.46
C GLU A 300 -22.09 29.64 17.39
N TRP A 301 -22.75 29.78 16.24
CA TRP A 301 -22.50 28.90 15.11
C TRP A 301 -21.46 29.55 14.19
N VAL A 302 -20.40 28.79 13.86
CA VAL A 302 -19.36 29.25 12.95
C VAL A 302 -19.08 28.14 11.95
N ASP A 303 -18.23 28.46 10.97
CA ASP A 303 -17.84 27.48 9.97
C ASP A 303 -16.95 26.41 10.60
N SER A 304 -16.91 25.26 9.95
CA SER A 304 -16.04 24.17 10.38
C SER A 304 -14.58 24.41 10.03
N SER A 305 -14.26 25.49 9.33
CA SER A 305 -12.90 25.82 8.96
C SER A 305 -12.30 26.89 9.85
N GLU A 306 -12.98 27.27 10.92
CA GLU A 306 -12.53 28.32 11.81
C GLU A 306 -12.47 27.82 13.25
N LEU A 307 -11.97 26.59 13.42
CA LEU A 307 -11.78 25.98 14.72
C LEU A 307 -10.29 25.98 15.07
N VAL A 308 -9.99 26.00 16.36
CA VAL A 308 -8.63 26.17 16.85
C VAL A 308 -8.44 25.35 18.12
N PRO A 309 -7.30 24.68 18.30
CA PRO A 309 -7.07 23.92 19.53
C PRO A 309 -7.20 24.79 20.78
N GLY A 310 -8.15 24.42 21.63
CA GLY A 310 -8.57 25.23 22.75
C GLY A 310 -10.00 25.70 22.66
N ASP A 311 -10.56 25.73 21.45
CA ASP A 311 -11.96 26.04 21.26
C ASP A 311 -12.83 24.90 21.76
N CYS A 312 -13.98 25.25 22.33
CA CYS A 312 -14.93 24.26 22.83
C CYS A 312 -16.04 24.07 21.81
N LEU A 313 -16.36 22.81 21.53
CA LEU A 313 -17.27 22.44 20.45
C LEU A 313 -18.40 21.61 21.04
N VAL A 314 -19.64 22.02 20.78
CA VAL A 314 -20.81 21.29 21.25
C VAL A 314 -21.28 20.37 20.14
N LEU A 315 -21.53 19.11 20.50
CA LEU A 315 -21.89 18.10 19.53
C LEU A 315 -23.41 18.00 19.42
N PRO A 316 -23.96 17.89 18.22
CA PRO A 316 -25.41 17.74 18.09
C PRO A 316 -25.90 16.46 18.76
N GLN A 317 -27.05 16.57 19.45
CA GLN A 317 -27.67 15.42 20.07
C GLN A 317 -27.96 14.31 19.07
N GLU A 318 -28.43 14.67 17.88
CA GLU A 318 -28.63 13.67 16.83
C GLU A 318 -27.32 13.25 16.18
N GLY A 319 -26.27 14.05 16.31
CA GLY A 319 -24.96 13.68 15.81
C GLY A 319 -24.66 14.24 14.43
N GLY A 320 -23.55 13.76 13.88
CA GLY A 320 -23.08 14.23 12.59
C GLY A 320 -21.59 14.01 12.47
N LEU A 321 -21.10 14.18 11.25
CA LEU A 321 -19.68 14.04 10.98
C LEU A 321 -18.87 14.94 11.91
N MET A 322 -17.68 14.46 12.31
CA MET A 322 -16.84 15.21 13.23
C MET A 322 -15.83 16.06 12.46
N PRO A 323 -15.72 17.34 12.76
CA PRO A 323 -14.88 18.23 11.93
C PRO A 323 -13.40 18.25 12.31
N CYS A 324 -13.08 17.94 13.56
CA CYS A 324 -11.71 18.02 14.04
C CYS A 324 -11.56 17.16 15.27
N ASP A 325 -10.33 16.75 15.54
CA ASP A 325 -10.03 16.02 16.77
C ASP A 325 -10.56 16.81 17.97
N ALA A 326 -10.88 16.09 19.03
CA ALA A 326 -11.42 16.76 20.20
C ALA A 326 -11.31 15.81 21.39
N ALA A 327 -11.47 16.36 22.58
CA ALA A 327 -11.53 15.59 23.80
C ALA A 327 -12.90 15.83 24.43
N LEU A 328 -13.61 14.74 24.73
CA LEU A 328 -14.92 14.87 25.33
C LEU A 328 -14.80 15.37 26.77
N VAL A 329 -15.71 16.25 27.17
CA VAL A 329 -15.71 16.74 28.53
C VAL A 329 -17.11 16.66 29.13
N ALA A 330 -17.99 15.91 28.47
CA ALA A 330 -19.35 15.72 28.94
C ALA A 330 -20.00 14.57 28.18
N GLY A 331 -20.65 13.67 28.90
CA GLY A 331 -21.46 12.66 28.27
C GLY A 331 -20.66 11.56 27.58
N GLU A 332 -21.38 10.80 26.76
CA GLU A 332 -20.82 9.68 26.01
C GLU A 332 -21.14 9.86 24.53
N CYS A 333 -20.41 9.13 23.69
CA CYS A 333 -20.56 9.25 22.25
C CYS A 333 -20.58 7.86 21.63
N MET A 334 -21.12 7.81 20.40
CA MET A 334 -21.15 6.59 19.60
C MET A 334 -20.52 6.94 18.26
N VAL A 335 -19.24 6.63 18.10
CA VAL A 335 -18.46 7.08 16.96
C VAL A 335 -18.19 5.90 16.04
N ASN A 336 -18.41 6.11 14.73
CA ASN A 336 -18.15 5.11 13.71
C ASN A 336 -16.83 5.49 13.04
N GLU A 337 -15.73 4.96 13.58
CA GLU A 337 -14.39 5.38 13.20
C GLU A 337 -13.86 4.69 11.95
N SER A 338 -14.75 4.16 11.11
CA SER A 338 -14.30 3.42 9.93
C SER A 338 -13.46 4.28 9.00
N SER A 339 -13.77 5.58 8.91
CA SER A 339 -13.03 6.45 8.02
C SER A 339 -11.57 6.60 8.43
N LEU A 340 -11.28 6.43 9.72
CA LEU A 340 -9.93 6.64 10.25
C LEU A 340 -9.17 5.35 10.51
N THR A 341 -9.83 4.34 11.09
CA THR A 341 -9.17 3.09 11.44
C THR A 341 -9.73 1.89 10.69
N GLY A 342 -10.66 2.08 9.76
CA GLY A 342 -11.19 0.98 8.98
C GLY A 342 -12.12 0.04 9.71
N GLU A 343 -12.48 0.34 10.95
CA GLU A 343 -13.35 -0.51 11.75
C GLU A 343 -14.73 0.15 11.84
N SER A 344 -15.72 -0.47 11.21
CA SER A 344 -17.04 0.13 11.08
C SER A 344 -17.93 -0.06 12.30
N ILE A 345 -17.51 -0.84 13.29
CA ILE A 345 -18.37 -1.10 14.44
C ILE A 345 -18.45 0.16 15.30
N PRO A 346 -19.62 0.51 15.84
CA PRO A 346 -19.71 1.67 16.73
C PRO A 346 -18.78 1.57 17.92
N VAL A 347 -18.35 2.72 18.41
CA VAL A 347 -17.39 2.82 19.50
C VAL A 347 -17.99 3.65 20.62
N LEU A 348 -17.73 3.28 21.86
CA LEU A 348 -18.12 4.06 23.01
C LEU A 348 -17.02 5.06 23.35
N LYS A 349 -17.38 6.34 23.39
CA LYS A 349 -16.44 7.39 23.75
C LYS A 349 -16.96 8.10 25.00
N THR A 350 -16.26 7.91 26.12
CA THR A 350 -16.67 8.48 27.39
C THR A 350 -15.97 9.82 27.63
N ALA A 351 -16.42 10.51 28.67
CA ALA A 351 -15.85 11.81 29.00
C ALA A 351 -14.38 11.67 29.38
N LEU A 352 -13.73 12.81 29.54
CA LEU A 352 -12.31 12.83 29.90
C LEU A 352 -12.15 12.73 31.41
N PRO A 353 -11.41 11.74 31.92
CA PRO A 353 -11.17 11.68 33.37
C PRO A 353 -10.25 12.81 33.81
N GLU A 354 -10.66 13.52 34.86
CA GLU A 354 -9.88 14.66 35.33
C GLU A 354 -8.57 14.20 35.95
N GLY A 355 -7.72 15.17 36.28
CA GLY A 355 -6.41 14.89 36.84
C GLY A 355 -5.37 15.80 36.23
N LEU A 356 -4.19 15.87 36.88
CA LEU A 356 -3.11 16.73 36.42
C LEU A 356 -2.15 16.01 35.49
N GLY A 357 -2.53 14.83 34.99
CA GLY A 357 -1.74 14.14 34.01
C GLY A 357 -1.90 14.77 32.64
N PRO A 358 -0.78 15.07 31.98
CA PRO A 358 -0.85 15.69 30.65
C PRO A 358 -1.67 14.85 29.68
N TYR A 359 -2.56 15.53 28.95
CA TYR A 359 -3.43 14.84 28.02
C TYR A 359 -2.64 14.22 26.87
N CYS A 360 -2.96 12.97 26.56
CA CYS A 360 -2.31 12.24 25.47
C CYS A 360 -3.38 11.74 24.51
N ALA A 361 -3.06 11.81 23.21
CA ALA A 361 -3.99 11.34 22.19
C ALA A 361 -4.08 9.82 22.15
N GLU A 362 -3.17 9.11 22.81
CA GLU A 362 -3.19 7.65 22.84
C GLU A 362 -3.62 7.09 24.18
N THR A 363 -3.20 7.71 25.28
CA THR A 363 -3.70 7.31 26.59
C THR A 363 -5.22 7.48 26.68
N HIS A 364 -5.68 8.70 26.41
CA HIS A 364 -7.12 8.99 26.40
C HIS A 364 -7.71 8.82 25.01
N ARG A 365 -7.47 7.67 24.39
CA ARG A 365 -8.05 7.41 23.07
C ARG A 365 -9.48 6.92 23.15
N ARG A 366 -10.00 6.69 24.35
CA ARG A 366 -11.42 6.41 24.53
C ARG A 366 -12.24 7.69 24.67
N HIS A 367 -11.60 8.79 25.02
CA HIS A 367 -12.29 10.05 25.28
C HIS A 367 -12.09 11.08 24.18
N THR A 368 -11.52 10.68 23.05
CA THR A 368 -11.21 11.60 21.96
C THR A 368 -12.03 11.24 20.72
N LEU A 369 -12.62 12.26 20.11
CA LEU A 369 -13.40 12.11 18.89
C LEU A 369 -12.55 12.58 17.72
N PHE A 370 -12.20 11.66 16.85
CA PHE A 370 -11.22 11.98 15.82
C PHE A 370 -11.86 12.72 14.65
N CYS A 371 -11.04 13.10 13.68
CA CYS A 371 -11.48 13.93 12.57
C CYS A 371 -11.94 13.05 11.42
N GLY A 372 -13.13 13.33 10.89
CA GLY A 372 -13.69 12.58 9.80
C GLY A 372 -14.50 11.38 10.19
N THR A 373 -14.58 11.05 11.48
CA THR A 373 -15.38 9.93 11.94
C THR A 373 -16.82 10.38 12.19
N LEU A 374 -17.76 9.53 11.79
CA LEU A 374 -19.17 9.87 11.79
C LEU A 374 -19.76 9.54 13.15
N ILE A 375 -20.01 10.57 13.96
CA ILE A 375 -20.68 10.38 15.25
C ILE A 375 -22.09 9.87 15.00
N LEU A 376 -22.38 8.66 15.48
CA LEU A 376 -23.70 8.09 15.29
C LEU A 376 -24.73 8.80 16.16
N GLN A 377 -24.49 8.82 17.47
CA GLN A 377 -25.39 9.51 18.40
C GLN A 377 -24.62 9.83 19.66
N ALA A 378 -24.77 11.05 20.16
CA ALA A 378 -24.09 11.52 21.35
C ALA A 378 -25.11 12.01 22.36
N ARG A 379 -24.87 11.70 23.63
CA ARG A 379 -25.82 12.02 24.68
C ARG A 379 -25.09 12.68 25.85
N ALA A 380 -25.79 13.61 26.52
CA ALA A 380 -25.23 14.41 27.60
C ALA A 380 -25.92 14.03 28.91
N TYR A 381 -25.13 13.60 29.90
CA TYR A 381 -25.70 13.18 31.17
C TYR A 381 -25.89 14.33 32.13
N VAL A 382 -24.98 15.30 32.12
CA VAL A 382 -25.10 16.53 32.91
C VAL A 382 -25.04 17.71 31.95
N GLY A 383 -25.88 18.70 32.19
CA GLY A 383 -26.00 19.83 31.28
C GLY A 383 -26.89 19.49 30.11
N PRO A 384 -27.31 20.51 29.35
CA PRO A 384 -28.22 20.27 28.22
C PRO A 384 -27.52 19.73 26.98
N HIS A 385 -26.21 19.90 26.86
CA HIS A 385 -25.51 19.57 25.63
C HIS A 385 -24.23 18.81 25.96
N VAL A 386 -23.69 18.15 24.94
CA VAL A 386 -22.44 17.41 25.05
C VAL A 386 -21.31 18.27 24.48
N LEU A 387 -20.23 18.40 25.24
CA LEU A 387 -19.15 19.32 24.93
C LEU A 387 -17.88 18.57 24.56
N ALA A 388 -17.21 19.07 23.53
CA ALA A 388 -15.89 18.58 23.13
C ALA A 388 -14.96 19.76 23.01
N VAL A 389 -13.75 19.61 23.53
CA VAL A 389 -12.74 20.67 23.51
C VAL A 389 -11.72 20.32 22.44
N VAL A 390 -11.64 21.15 21.40
CA VAL A 390 -10.79 20.87 20.27
C VAL A 390 -9.34 20.75 20.72
N THR A 391 -8.61 19.83 20.10
CA THR A 391 -7.20 19.63 20.45
C THR A 391 -6.29 19.72 19.24
N ARG A 392 -6.75 19.26 18.07
CA ARG A 392 -5.94 19.29 16.87
C ARG A 392 -6.81 19.69 15.68
N THR A 393 -6.31 20.63 14.88
CA THR A 393 -7.01 21.11 13.70
C THR A 393 -6.09 21.12 12.50
N GLY A 394 -6.58 20.63 11.37
CA GLY A 394 -5.86 20.72 10.11
C GLY A 394 -5.08 19.46 9.80
N PHE A 395 -3.82 19.63 9.40
CA PHE A 395 -2.95 18.48 9.13
C PHE A 395 -2.45 17.83 10.42
N CYS A 396 -2.63 18.47 11.57
CA CYS A 396 -2.15 17.88 12.81
C CYS A 396 -3.00 16.69 13.24
N THR A 397 -4.22 16.59 12.74
CA THR A 397 -5.14 15.57 13.21
C THR A 397 -4.69 14.18 12.76
N ALA A 398 -5.47 13.17 13.16
CA ALA A 398 -5.16 11.80 12.75
C ALA A 398 -5.38 11.63 11.26
N LYS A 399 -6.56 11.98 10.76
CA LYS A 399 -6.79 11.98 9.33
C LYS A 399 -5.81 12.90 8.62
N GLY A 400 -5.53 14.07 9.21
CA GLY A 400 -4.54 14.95 8.62
C GLY A 400 -3.17 14.33 8.55
N GLY A 401 -2.79 13.57 9.59
CA GLY A 401 -1.50 12.91 9.56
C GLY A 401 -1.41 11.82 8.51
N LEU A 402 -2.46 11.00 8.41
CA LEU A 402 -2.46 9.96 7.38
C LEU A 402 -2.48 10.55 5.97
N VAL A 403 -3.15 11.68 5.78
CA VAL A 403 -3.17 12.29 4.45
C VAL A 403 -1.86 13.00 4.16
N SER A 404 -1.18 13.53 5.18
CA SER A 404 0.16 14.04 4.97
C SER A 404 1.12 12.92 4.62
N SER A 405 0.88 11.72 5.14
CA SER A 405 1.69 10.58 4.76
C SER A 405 1.39 10.14 3.32
N ILE A 406 0.12 10.19 2.93
CA ILE A 406 -0.24 9.76 1.57
C ILE A 406 0.29 10.76 0.54
N LEU A 407 0.11 12.05 0.79
CA LEU A 407 0.54 13.07 -0.18
C LEU A 407 2.05 13.05 -0.34
N HIS A 408 2.79 12.88 0.75
CA HIS A 408 4.24 12.92 0.75
C HIS A 408 4.77 11.61 1.31
N PRO A 409 4.68 10.53 0.54
CA PRO A 409 5.11 9.22 1.05
C PRO A 409 6.62 9.12 1.18
N ARG A 410 7.06 8.40 2.21
CA ARG A 410 8.47 8.20 2.42
C ARG A 410 9.06 7.38 1.27
N PRO A 411 10.33 7.59 0.93
CA PRO A 411 10.91 6.88 -0.20
C PRO A 411 10.88 5.36 0.00
N ILE A 412 10.74 4.64 -1.11
CA ILE A 412 10.70 3.19 -1.08
C ILE A 412 12.12 2.65 -0.96
N ASN A 413 12.33 1.73 -0.02
CA ASN A 413 13.68 1.26 0.27
C ASN A 413 14.19 0.33 -0.82
N PHE A 414 13.33 -0.55 -1.32
CA PHE A 414 13.73 -1.55 -2.32
C PHE A 414 13.61 -0.96 -3.71
N LYS A 415 14.76 -0.82 -4.39
CA LYS A 415 14.81 -0.25 -5.72
C LYS A 415 14.54 -1.35 -6.74
N PHE A 416 13.49 -1.16 -7.54
CA PHE A 416 13.02 -2.24 -8.41
C PHE A 416 14.00 -2.52 -9.53
N TYR A 417 14.41 -1.47 -10.25
CA TYR A 417 15.28 -1.60 -11.42
C TYR A 417 16.71 -1.35 -10.96
N LYS A 418 17.39 -2.41 -10.55
CA LYS A 418 18.75 -2.29 -10.05
C LYS A 418 19.74 -2.18 -11.20
N HIS A 419 20.70 -1.27 -11.05
CA HIS A 419 21.70 -0.99 -12.07
C HIS A 419 21.04 -0.60 -13.40
N SER A 420 19.91 0.11 -13.32
CA SER A 420 19.28 0.61 -14.53
C SER A 420 20.15 1.63 -15.23
N MET A 421 20.84 2.48 -14.46
CA MET A 421 21.75 3.44 -15.05
C MET A 421 22.94 2.76 -15.71
N LYS A 422 23.45 1.70 -15.08
CA LYS A 422 24.55 0.96 -15.70
C LYS A 422 24.07 0.21 -16.94
N PHE A 423 22.80 -0.22 -16.96
CA PHE A 423 22.23 -0.83 -18.15
C PHE A 423 22.14 0.16 -19.29
N VAL A 424 21.60 1.36 -19.02
CA VAL A 424 21.48 2.35 -20.07
C VAL A 424 22.85 2.86 -20.48
N ALA A 425 23.86 2.77 -19.61
CA ALA A 425 25.21 3.13 -20.02
C ALA A 425 25.84 2.05 -20.89
N ALA A 426 25.63 0.77 -20.55
CA ALA A 426 26.11 -0.32 -21.38
C ALA A 426 25.35 -0.41 -22.70
N LEU A 427 24.21 0.28 -22.81
CA LEU A 427 23.54 0.38 -24.08
C LEU A 427 23.82 1.71 -24.80
N SER A 428 24.30 2.72 -24.07
CA SER A 428 24.73 3.97 -24.66
C SER A 428 26.15 3.87 -25.22
N VAL A 429 26.96 2.94 -24.73
CA VAL A 429 28.25 2.69 -25.37
C VAL A 429 28.03 2.23 -26.80
N LEU A 430 26.94 1.49 -27.05
CA LEU A 430 26.61 1.09 -28.41
C LEU A 430 26.22 2.31 -29.25
N ALA A 431 25.43 3.21 -28.69
CA ALA A 431 25.06 4.42 -29.41
C ALA A 431 26.29 5.27 -29.72
N LEU A 432 27.25 5.32 -28.80
CA LEU A 432 28.47 6.08 -29.03
C LEU A 432 29.35 5.45 -30.09
N LEU A 433 29.51 4.13 -30.05
CA LEU A 433 30.24 3.45 -31.11
C LEU A 433 29.58 3.68 -32.47
N GLY A 434 28.25 3.62 -32.51
CA GLY A 434 27.55 3.87 -33.76
C GLY A 434 27.69 5.29 -34.24
N THR A 435 27.69 6.26 -33.31
CA THR A 435 27.87 7.65 -33.72
C THR A 435 29.30 7.91 -34.20
N ILE A 436 30.28 7.21 -33.63
CA ILE A 436 31.63 7.28 -34.16
C ILE A 436 31.66 6.74 -35.58
N TYR A 437 31.04 5.57 -35.80
CA TYR A 437 30.95 5.04 -37.16
C TYR A 437 30.25 6.01 -38.09
N SER A 438 29.23 6.69 -37.60
CA SER A 438 28.48 7.64 -38.42
C SER A 438 29.36 8.80 -38.85
N ILE A 439 30.04 9.43 -37.90
CA ILE A 439 30.94 10.53 -38.23
C ILE A 439 32.01 10.07 -39.19
N PHE A 440 32.58 8.89 -38.95
CA PHE A 440 33.64 8.38 -39.83
C PHE A 440 33.13 8.17 -41.25
N ILE A 441 32.02 7.46 -41.40
CA ILE A 441 31.56 7.08 -42.73
C ILE A 441 30.93 8.27 -43.47
N LEU A 442 30.46 9.28 -42.75
CA LEU A 442 29.97 10.47 -43.40
C LEU A 442 31.10 11.42 -43.77
N TYR A 443 32.21 11.39 -43.01
CA TYR A 443 33.43 12.03 -43.48
C TYR A 443 33.92 11.36 -44.76
N ARG A 444 33.92 10.03 -44.78
CA ARG A 444 34.33 9.28 -45.96
C ARG A 444 33.39 9.51 -47.14
N ASN A 445 32.14 9.87 -46.89
CA ASN A 445 31.17 10.11 -47.94
C ASN A 445 31.13 11.55 -48.41
N ARG A 446 32.08 12.38 -47.96
CA ARG A 446 32.23 13.76 -48.44
C ARG A 446 30.97 14.58 -48.19
N VAL A 447 30.34 14.37 -47.05
CA VAL A 447 29.15 15.12 -46.66
C VAL A 447 29.59 16.45 -46.08
N PRO A 448 28.85 17.54 -46.32
CA PRO A 448 29.19 18.82 -45.69
C PRO A 448 29.20 18.71 -44.17
N LEU A 449 30.14 19.42 -43.54
CA LEU A 449 30.31 19.35 -42.10
C LEU A 449 29.07 19.87 -41.37
N ASN A 450 28.51 20.98 -41.85
CA ASN A 450 27.26 21.48 -41.27
C ASN A 450 26.16 20.43 -41.40
N GLU A 451 26.22 19.59 -42.43
CA GLU A 451 25.27 18.50 -42.54
C GLU A 451 25.72 17.26 -41.78
N ILE A 452 27.03 17.09 -41.59
CA ILE A 452 27.50 15.95 -40.78
C ILE A 452 27.05 16.12 -39.33
N VAL A 453 27.05 17.34 -38.83
CA VAL A 453 26.60 17.56 -37.45
C VAL A 453 25.14 17.15 -37.30
N ILE A 454 24.31 17.46 -38.30
CA ILE A 454 22.90 17.06 -38.25
C ILE A 454 22.76 15.55 -38.42
N ARG A 455 23.53 14.98 -39.35
CA ARG A 455 23.49 13.53 -39.56
C ARG A 455 23.90 12.76 -38.33
N ALA A 456 24.72 13.34 -37.47
CA ALA A 456 25.11 12.69 -36.22
C ALA A 456 24.13 12.96 -35.09
N LEU A 457 23.63 14.18 -34.97
CA LEU A 457 22.66 14.47 -33.92
C LEU A 457 21.35 13.72 -34.14
N ASN A 458 20.94 13.53 -35.39
CA ASN A 458 19.74 12.74 -35.67
C ASN A 458 19.95 11.28 -35.26
N LEU A 459 21.09 10.71 -35.64
CA LEU A 459 21.36 9.33 -35.27
C LEU A 459 21.45 9.17 -33.76
N VAL A 460 21.88 10.22 -33.06
CA VAL A 460 21.91 10.16 -31.60
C VAL A 460 20.50 10.23 -31.03
N THR A 461 19.67 11.13 -31.55
CA THR A 461 18.31 11.24 -31.03
C THR A 461 17.41 10.09 -31.46
N VAL A 462 17.86 9.24 -32.37
CA VAL A 462 17.07 8.05 -32.72
C VAL A 462 17.03 7.06 -31.55
N VAL A 463 18.09 6.99 -30.75
CA VAL A 463 18.18 5.98 -29.71
C VAL A 463 17.50 6.46 -28.44
N VAL A 464 16.86 7.63 -28.49
CA VAL A 464 16.07 8.09 -27.37
C VAL A 464 14.60 7.91 -27.74
N PRO A 465 13.93 6.89 -27.23
CA PRO A 465 12.58 6.56 -27.70
C PRO A 465 11.56 7.55 -27.18
N PRO A 466 10.81 8.20 -28.08
CA PRO A 466 9.81 9.16 -27.62
C PRO A 466 8.68 8.56 -26.82
N ALA A 467 8.46 7.25 -26.91
CA ALA A 467 7.33 6.59 -26.25
C ALA A 467 7.75 5.80 -25.01
N LEU A 468 8.81 6.24 -24.34
CA LEU A 468 9.24 5.56 -23.13
C LEU A 468 8.37 5.97 -21.93
N PRO A 469 8.18 7.27 -21.68
CA PRO A 469 7.29 7.65 -20.56
C PRO A 469 5.86 7.18 -20.78
N ALA A 470 5.37 7.24 -22.01
CA ALA A 470 4.04 6.74 -22.31
C ALA A 470 3.93 5.26 -21.95
N ALA A 471 4.92 4.47 -22.36
CA ALA A 471 4.89 3.04 -22.08
C ALA A 471 4.94 2.75 -20.58
N MET A 472 5.79 3.48 -19.85
CA MET A 472 5.92 3.24 -18.41
C MET A 472 4.63 3.60 -17.67
N THR A 473 4.11 4.81 -17.91
CA THR A 473 2.88 5.18 -17.21
C THR A 473 1.69 4.34 -17.66
N VAL A 474 1.71 3.84 -18.89
CA VAL A 474 0.64 2.94 -19.30
C VAL A 474 0.74 1.61 -18.58
N CYS A 475 1.96 1.12 -18.35
CA CYS A 475 2.13 -0.07 -17.52
C CYS A 475 1.51 0.14 -16.14
N THR A 476 1.79 1.30 -15.54
CA THR A 476 1.30 1.52 -14.17
C THR A 476 -0.23 1.68 -14.17
N LEU A 477 -0.79 2.36 -15.20
CA LEU A 477 -2.24 2.51 -15.28
C LEU A 477 -2.94 1.19 -15.49
N TYR A 478 -2.37 0.32 -16.34
CA TYR A 478 -2.98 -0.99 -16.55
C TYR A 478 -2.91 -1.83 -15.28
N ALA A 479 -1.80 -1.72 -14.53
CA ALA A 479 -1.71 -2.46 -13.27
C ALA A 479 -2.78 -1.99 -12.30
N GLN A 480 -2.91 -0.66 -12.13
CA GLN A 480 -3.95 -0.13 -11.26
C GLN A 480 -5.34 -0.60 -11.69
N SER A 481 -5.62 -0.60 -12.99
CA SER A 481 -6.95 -0.97 -13.45
C SER A 481 -7.21 -2.45 -13.23
N ARG A 482 -6.23 -3.31 -13.49
CA ARG A 482 -6.40 -4.73 -13.23
C ARG A 482 -6.67 -4.99 -11.76
N LEU A 483 -5.93 -4.31 -10.88
CA LEU A 483 -6.18 -4.46 -9.45
C LEU A 483 -7.58 -4.01 -9.08
N ARG A 484 -7.92 -2.75 -9.43
CA ARG A 484 -9.23 -2.20 -9.13
C ARG A 484 -10.37 -3.06 -9.68
N ARG A 485 -10.10 -3.84 -10.73
CA ARG A 485 -11.16 -4.66 -11.30
C ARG A 485 -11.58 -5.82 -10.40
N GLN A 486 -10.71 -6.28 -9.48
CA GLN A 486 -11.14 -7.29 -8.53
C GLN A 486 -11.73 -6.69 -7.27
N GLY A 487 -11.18 -5.59 -6.80
CA GLY A 487 -11.62 -5.01 -5.56
C GLY A 487 -10.49 -4.43 -4.73
N ILE A 488 -9.26 -4.58 -5.23
CA ILE A 488 -8.07 -4.06 -4.53
C ILE A 488 -7.80 -2.65 -5.05
N PHE A 489 -7.72 -1.70 -4.14
CA PHE A 489 -7.68 -0.27 -4.49
C PHE A 489 -6.34 0.31 -4.05
N CYS A 490 -5.36 0.28 -4.95
CA CYS A 490 -4.05 0.85 -4.67
C CYS A 490 -4.09 2.35 -4.88
N ILE A 491 -3.71 3.12 -3.86
CA ILE A 491 -3.83 4.57 -3.94
C ILE A 491 -2.74 5.17 -4.81
N HIS A 492 -1.49 4.78 -4.58
CA HIS A 492 -0.36 5.19 -5.41
C HIS A 492 0.24 3.95 -6.06
N PRO A 493 0.31 3.89 -7.39
CA PRO A 493 0.54 2.60 -8.06
C PRO A 493 1.95 2.07 -7.95
N LEU A 494 2.90 2.86 -7.43
CA LEU A 494 4.28 2.40 -7.37
C LEU A 494 4.49 1.30 -6.33
N ARG A 495 3.47 1.00 -5.52
CA ARG A 495 3.60 -0.04 -4.52
C ARG A 495 3.39 -1.44 -5.07
N ILE A 496 2.85 -1.56 -6.29
CA ILE A 496 2.58 -2.89 -6.83
C ILE A 496 3.89 -3.63 -7.12
N ASN A 497 4.90 -2.91 -7.59
CA ASN A 497 6.19 -3.54 -7.84
C ASN A 497 6.76 -4.13 -6.56
N LEU A 498 6.58 -3.44 -5.43
CA LEU A 498 6.94 -4.04 -4.14
C LEU A 498 6.06 -5.24 -3.83
N GLY A 499 4.76 -5.13 -4.09
CA GLY A 499 3.87 -6.27 -3.91
C GLY A 499 4.30 -7.48 -4.70
N GLY A 500 5.12 -7.30 -5.72
CA GLY A 500 5.61 -8.42 -6.49
C GLY A 500 6.68 -9.22 -5.79
N LYS A 501 7.69 -8.54 -5.26
CA LYS A 501 8.79 -9.20 -4.58
C LYS A 501 8.59 -9.18 -3.06
N LEU A 502 7.53 -9.84 -2.62
CA LEU A 502 7.30 -10.07 -1.20
C LEU A 502 8.02 -11.34 -0.78
N GLN A 503 8.67 -11.28 0.38
CA GLN A 503 9.35 -12.42 0.95
C GLN A 503 8.78 -12.80 2.31
N LEU A 504 7.87 -12.00 2.85
CA LEU A 504 7.22 -12.26 4.12
C LEU A 504 5.86 -11.60 4.11
N VAL A 505 4.88 -12.23 4.74
CA VAL A 505 3.53 -11.70 4.84
C VAL A 505 3.02 -11.93 6.27
N CYS A 506 2.72 -10.85 6.97
CA CYS A 506 2.13 -10.92 8.30
C CYS A 506 0.61 -10.90 8.20
N PHE A 507 -0.05 -11.31 9.27
CA PHE A 507 -1.50 -11.42 9.27
C PHE A 507 -2.07 -11.10 10.64
N ASP A 508 -3.24 -10.47 10.64
CA ASP A 508 -4.12 -10.44 11.80
C ASP A 508 -4.73 -11.84 11.98
N LYS A 509 -5.56 -12.02 13.00
CA LYS A 509 -6.30 -13.28 13.11
C LYS A 509 -7.79 -13.07 13.12
N THR A 510 -8.31 -12.18 13.96
CA THR A 510 -9.75 -11.95 14.04
C THR A 510 -10.14 -10.99 12.94
N GLY A 511 -10.91 -11.49 11.97
CA GLY A 511 -11.34 -10.73 10.83
C GLY A 511 -10.53 -11.00 9.58
N THR A 512 -9.23 -11.26 9.71
CA THR A 512 -8.39 -11.54 8.56
C THR A 512 -8.36 -13.03 8.22
N LEU A 513 -7.86 -13.86 9.13
CA LEU A 513 -7.87 -15.30 8.91
C LEU A 513 -9.20 -15.90 9.33
N THR A 514 -9.58 -15.70 10.59
CA THR A 514 -10.83 -16.23 11.12
C THR A 514 -11.94 -15.19 10.99
N GLU A 515 -13.18 -15.67 11.10
CA GLU A 515 -14.34 -14.80 11.01
C GLU A 515 -14.24 -13.66 12.02
N ASP A 516 -14.84 -12.52 11.66
CA ASP A 516 -14.76 -11.34 12.51
C ASP A 516 -15.40 -11.58 13.87
N GLY A 517 -16.60 -12.16 13.88
CA GLY A 517 -17.40 -12.30 15.09
C GLY A 517 -17.39 -13.72 15.61
N LEU A 518 -17.34 -13.86 16.93
CA LEU A 518 -17.40 -15.18 17.55
C LEU A 518 -18.75 -15.83 17.29
N ASP A 519 -18.73 -17.11 16.96
CA ASP A 519 -19.93 -17.91 16.80
C ASP A 519 -19.99 -18.94 17.91
N VAL A 520 -21.08 -18.95 18.66
CA VAL A 520 -21.21 -19.82 19.82
C VAL A 520 -21.44 -21.26 19.36
N MET A 521 -20.64 -22.18 19.88
CA MET A 521 -20.87 -23.60 19.64
C MET A 521 -22.01 -24.14 20.49
N GLY A 522 -22.33 -23.47 21.60
CA GLY A 522 -23.43 -23.86 22.44
C GLY A 522 -23.06 -23.69 23.90
N VAL A 523 -23.87 -24.30 24.76
CA VAL A 523 -23.64 -24.28 26.20
C VAL A 523 -23.88 -25.70 26.73
N VAL A 524 -23.05 -26.12 27.67
CA VAL A 524 -23.17 -27.45 28.28
C VAL A 524 -23.89 -27.27 29.61
N PRO A 525 -25.11 -27.78 29.76
CA PRO A 525 -25.84 -27.61 31.02
C PRO A 525 -25.40 -28.61 32.08
N LEU A 526 -25.87 -28.38 33.31
CA LEU A 526 -25.52 -29.21 34.45
C LEU A 526 -26.79 -29.89 34.94
N LYS A 527 -26.70 -31.19 35.20
CA LYS A 527 -27.79 -31.97 35.78
C LYS A 527 -27.29 -32.48 37.13
N GLY A 528 -27.44 -31.65 38.17
CA GLY A 528 -26.92 -31.99 39.48
C GLY A 528 -25.48 -31.56 39.66
N GLN A 529 -24.56 -32.51 39.51
CA GLN A 529 -23.13 -32.23 39.62
C GLN A 529 -22.37 -32.89 38.47
N ALA A 530 -23.01 -33.01 37.31
CA ALA A 530 -22.39 -33.61 36.13
C ALA A 530 -22.72 -32.77 34.91
N PHE A 531 -21.84 -32.84 33.91
CA PHE A 531 -22.03 -32.07 32.69
C PHE A 531 -22.87 -32.85 31.70
N LEU A 532 -23.82 -32.15 31.08
CA LEU A 532 -24.69 -32.70 30.06
C LEU A 532 -24.09 -32.53 28.67
N PRO A 533 -24.55 -33.30 27.69
CA PRO A 533 -24.01 -33.16 26.33
C PRO A 533 -24.18 -31.75 25.78
N LEU A 534 -23.22 -31.34 24.96
CA LEU A 534 -23.23 -30.01 24.39
C LEU A 534 -24.48 -29.76 23.55
N VAL A 535 -25.08 -28.58 23.72
CA VAL A 535 -26.31 -28.26 23.02
C VAL A 535 -25.96 -27.19 21.99
N PRO A 536 -25.91 -27.51 20.69
CA PRO A 536 -25.55 -26.51 19.68
C PRO A 536 -26.52 -25.34 19.59
N GLU A 537 -27.80 -25.56 19.84
CA GLU A 537 -28.81 -24.51 19.76
C GLU A 537 -29.37 -24.14 21.13
N PRO A 538 -29.03 -22.99 21.67
CA PRO A 538 -29.62 -22.58 22.96
C PRO A 538 -31.12 -22.35 22.90
N ARG A 539 -31.71 -22.22 21.70
CA ARG A 539 -33.14 -22.03 21.60
C ARG A 539 -33.91 -23.22 22.16
N ARG A 540 -33.35 -24.42 22.04
CA ARG A 540 -34.03 -25.64 22.48
C ARG A 540 -33.90 -25.89 23.97
N LEU A 541 -33.17 -25.03 24.69
CA LEU A 541 -33.04 -25.21 26.12
C LEU A 541 -34.40 -24.88 26.76
N PRO A 542 -34.90 -25.70 27.69
CA PRO A 542 -36.13 -25.34 28.40
C PRO A 542 -35.94 -24.08 29.23
N VAL A 543 -37.02 -23.32 29.38
CA VAL A 543 -36.98 -22.11 30.19
C VAL A 543 -36.52 -22.38 31.60
N GLY A 544 -35.52 -21.62 32.04
CA GLY A 544 -34.94 -21.82 33.35
C GLY A 544 -33.80 -20.85 33.61
N PRO A 545 -33.04 -21.09 34.68
CA PRO A 545 -31.94 -20.18 35.00
C PRO A 545 -30.90 -20.09 33.89
N LEU A 546 -30.63 -21.19 33.19
CA LEU A 546 -29.59 -21.17 32.16
C LEU A 546 -30.00 -20.32 30.97
N LEU A 547 -31.22 -20.52 30.46
CA LEU A 547 -31.68 -19.73 29.32
C LEU A 547 -31.82 -18.26 29.67
N ARG A 548 -32.32 -17.97 30.89
CA ARG A 548 -32.45 -16.58 31.32
C ARG A 548 -31.08 -15.92 31.47
N ALA A 549 -30.10 -16.66 32.00
CA ALA A 549 -28.75 -16.13 32.08
C ALA A 549 -28.16 -15.88 30.69
N LEU A 550 -28.40 -16.80 29.76
CA LEU A 550 -27.91 -16.63 28.40
C LEU A 550 -28.52 -15.40 27.73
N ALA A 551 -29.81 -15.18 27.92
CA ALA A 551 -30.50 -14.11 27.22
C ALA A 551 -30.54 -12.79 27.99
N THR A 552 -30.03 -12.76 29.23
CA THR A 552 -30.16 -11.53 29.99
C THR A 552 -28.84 -11.03 30.57
N CYS A 553 -27.96 -11.94 31.00
CA CYS A 553 -26.72 -11.54 31.69
C CYS A 553 -25.75 -10.94 30.67
N HIS A 554 -26.04 -9.71 30.26
CA HIS A 554 -25.21 -9.01 29.29
C HIS A 554 -25.47 -7.52 29.44
N ALA A 555 -24.80 -6.72 28.60
CA ALA A 555 -24.90 -5.27 28.64
C ALA A 555 -25.17 -4.73 27.25
N LEU A 556 -26.09 -5.36 26.52
CA LEU A 556 -26.51 -4.87 25.22
C LEU A 556 -27.46 -3.69 25.36
N SER A 557 -27.39 -2.78 24.40
CA SER A 557 -28.25 -1.60 24.38
C SER A 557 -28.70 -1.36 22.94
N ARG A 558 -29.95 -0.91 22.79
CA ARG A 558 -30.51 -0.66 21.48
C ARG A 558 -30.04 0.69 20.97
N LEU A 559 -29.28 0.68 19.86
CA LEU A 559 -28.80 1.90 19.21
C LEU A 559 -29.46 1.97 17.84
N GLN A 560 -30.44 2.85 17.70
CA GLN A 560 -31.18 3.03 16.45
C GLN A 560 -31.85 1.71 16.03
N ASP A 561 -32.63 1.14 16.95
CA ASP A 561 -33.33 -0.13 16.75
C ASP A 561 -32.35 -1.24 16.38
N THR A 562 -31.21 -1.28 17.05
CA THR A 562 -30.19 -2.29 16.80
C THR A 562 -29.36 -2.47 18.06
N PRO A 563 -29.23 -3.69 18.57
CA PRO A 563 -28.39 -3.92 19.75
C PRO A 563 -26.92 -3.61 19.46
N VAL A 564 -26.25 -3.03 20.45
CA VAL A 564 -24.83 -2.77 20.37
C VAL A 564 -24.19 -3.11 21.71
N GLY A 565 -22.91 -3.48 21.65
CA GLY A 565 -22.18 -3.86 22.85
C GLY A 565 -21.05 -4.80 22.51
N ASP A 566 -20.75 -5.70 23.44
CA ASP A 566 -19.71 -6.68 23.21
C ASP A 566 -20.17 -7.67 22.13
N PRO A 567 -19.37 -7.91 21.09
CA PRO A 567 -19.76 -8.90 20.08
C PRO A 567 -20.03 -10.28 20.65
N MET A 568 -19.25 -10.70 21.65
CA MET A 568 -19.50 -11.98 22.30
C MET A 568 -20.89 -12.03 22.92
N ASP A 569 -21.22 -11.03 23.72
CA ASP A 569 -22.52 -10.98 24.36
C ASP A 569 -23.65 -10.85 23.34
N LEU A 570 -23.43 -10.04 22.30
CA LEU A 570 -24.46 -9.89 21.27
C LEU A 570 -24.73 -11.21 20.56
N LYS A 571 -23.67 -11.97 20.26
CA LYS A 571 -23.86 -13.26 19.61
C LYS A 571 -24.54 -14.25 20.55
N MET A 572 -24.14 -14.27 21.82
CA MET A 572 -24.80 -15.17 22.75
C MET A 572 -26.25 -14.78 23.01
N VAL A 573 -26.61 -13.52 22.76
CA VAL A 573 -28.01 -13.11 22.83
C VAL A 573 -28.76 -13.58 21.59
N GLU A 574 -28.21 -13.29 20.40
CA GLU A 574 -28.93 -13.63 19.17
C GLU A 574 -29.08 -15.13 19.00
N SER A 575 -28.15 -15.92 19.55
CA SER A 575 -28.31 -17.37 19.54
C SER A 575 -29.56 -17.81 20.29
N THR A 576 -29.83 -17.19 21.44
CA THR A 576 -31.00 -17.53 22.22
C THR A 576 -32.30 -17.15 21.53
N GLY A 577 -32.26 -16.21 20.59
CA GLY A 577 -33.45 -15.75 19.91
C GLY A 577 -34.21 -14.65 20.61
N TRP A 578 -33.77 -14.24 21.80
CA TRP A 578 -34.43 -13.15 22.51
C TRP A 578 -34.08 -11.81 21.89
N VAL A 579 -35.02 -10.88 21.99
CA VAL A 579 -34.91 -9.52 21.47
C VAL A 579 -35.06 -8.52 22.60
N LEU A 580 -34.15 -7.55 22.64
CA LEU A 580 -34.22 -6.50 23.65
C LEU A 580 -35.37 -5.55 23.34
N GLU A 581 -36.19 -5.27 24.36
CA GLU A 581 -37.34 -4.38 24.20
C GLU A 581 -37.28 -3.25 25.22
N ASP A 587 -35.87 -0.52 33.34
CA ASP A 587 -34.52 -0.58 32.81
C ASP A 587 -34.52 -1.34 31.49
N SER A 588 -34.01 -2.57 31.50
CA SER A 588 -33.85 -3.35 30.28
C SER A 588 -34.76 -4.58 30.39
N ALA A 589 -35.66 -4.73 29.43
CA ALA A 589 -36.59 -5.85 29.37
C ALA A 589 -36.37 -6.63 28.08
N PHE A 590 -36.59 -7.94 28.15
CA PHE A 590 -36.38 -8.83 27.01
C PHE A 590 -37.61 -9.69 26.80
N GLY A 591 -38.02 -9.83 25.55
CA GLY A 591 -39.18 -10.64 25.21
C GLY A 591 -38.80 -12.05 24.83
N THR A 592 -39.66 -12.99 25.18
CA THR A 592 -39.44 -14.40 24.86
C THR A 592 -39.48 -14.59 23.35
N GLN A 593 -38.59 -15.45 22.84
CA GLN A 593 -38.53 -15.71 21.40
C GLN A 593 -39.84 -16.32 20.90
N VAL A 594 -40.40 -17.26 21.64
CA VAL A 594 -41.65 -17.89 21.25
C VAL A 594 -42.67 -17.81 22.39
N PRO A 614 -42.24 -18.90 29.42
CA PRO A 614 -42.00 -17.94 28.33
C PRO A 614 -42.49 -16.54 28.66
N VAL A 615 -41.94 -15.95 29.70
CA VAL A 615 -42.28 -14.60 30.14
C VAL A 615 -41.16 -13.61 29.85
N PRO A 616 -41.48 -12.33 29.65
CA PRO A 616 -40.40 -11.33 29.51
C PRO A 616 -39.55 -11.27 30.76
N VAL A 617 -38.28 -10.88 30.58
CA VAL A 617 -37.31 -10.86 31.67
C VAL A 617 -36.86 -9.41 31.83
N SER A 618 -36.88 -8.92 33.05
CA SER A 618 -36.47 -7.57 33.42
C SER A 618 -35.16 -7.53 34.17
N VAL A 619 -34.40 -6.47 33.93
CA VAL A 619 -33.11 -6.28 34.57
C VAL A 619 -33.30 -5.25 35.69
N LEU A 620 -33.29 -5.72 36.94
CA LEU A 620 -33.45 -4.80 38.07
C LEU A 620 -32.16 -4.03 38.31
N HIS A 621 -31.00 -4.69 38.22
CA HIS A 621 -29.72 -4.03 38.42
C HIS A 621 -28.66 -4.78 37.63
N ARG A 622 -27.55 -4.09 37.35
CA ARG A 622 -26.49 -4.66 36.53
C ARG A 622 -25.15 -4.07 36.93
N PHE A 623 -24.19 -4.93 37.21
CA PHE A 623 -22.82 -4.51 37.49
C PHE A 623 -22.00 -4.64 36.22
N PRO A 624 -21.43 -3.56 35.70
CA PRO A 624 -20.72 -3.64 34.42
C PRO A 624 -19.47 -4.50 34.51
N PHE A 625 -19.13 -5.12 33.38
CA PHE A 625 -17.95 -5.98 33.32
C PHE A 625 -16.68 -5.16 33.43
N SER A 626 -15.66 -5.72 34.08
CA SER A 626 -14.37 -5.08 34.21
C SER A 626 -13.29 -6.05 33.75
N SER A 627 -12.31 -5.53 33.02
CA SER A 627 -11.25 -6.38 32.48
C SER A 627 -10.38 -6.91 33.62
N ALA A 628 -10.09 -6.08 34.63
CA ALA A 628 -9.29 -6.52 35.76
C ALA A 628 -10.03 -7.60 36.56
N LEU A 629 -11.32 -7.41 36.79
CA LEU A 629 -12.12 -8.40 37.51
C LEU A 629 -12.49 -9.60 36.66
N GLN A 630 -12.35 -9.49 35.33
CA GLN A 630 -12.64 -10.54 34.36
C GLN A 630 -13.92 -11.30 34.67
N ARG A 631 -14.93 -10.60 35.17
CA ARG A 631 -16.22 -11.21 35.47
C ARG A 631 -17.27 -10.10 35.49
N MET A 632 -18.53 -10.52 35.47
CA MET A 632 -19.64 -9.58 35.45
C MET A 632 -20.86 -10.27 36.04
N SER A 633 -21.70 -9.49 36.70
CA SER A 633 -22.93 -9.94 37.34
C SER A 633 -24.05 -8.96 37.17
N VAL A 634 -25.27 -9.47 37.13
CA VAL A 634 -26.47 -8.67 36.98
C VAL A 634 -27.55 -9.16 37.93
N VAL A 635 -28.58 -8.33 38.11
CA VAL A 635 -29.75 -8.68 38.89
C VAL A 635 -30.92 -8.84 37.93
N VAL A 636 -31.58 -10.00 37.99
CA VAL A 636 -32.57 -10.40 37.00
C VAL A 636 -33.86 -10.79 37.71
N ALA A 637 -34.98 -10.25 37.23
CA ALA A 637 -36.30 -10.61 37.74
C ALA A 637 -37.28 -10.69 36.57
N TRP A 638 -38.26 -11.55 36.71
CA TRP A 638 -39.28 -11.77 35.69
C TRP A 638 -40.63 -11.96 36.37
N PRO A 639 -41.73 -11.64 35.69
CA PRO A 639 -43.05 -11.86 36.29
C PRO A 639 -43.29 -13.32 36.62
N GLY A 640 -43.99 -13.56 37.72
CA GLY A 640 -44.24 -14.90 38.19
C GLY A 640 -43.14 -15.51 39.02
N ALA A 641 -42.03 -14.81 39.19
CA ALA A 641 -40.92 -15.32 40.00
C ALA A 641 -41.16 -15.02 41.47
N THR A 642 -40.85 -15.99 42.33
CA THR A 642 -40.93 -15.77 43.77
C THR A 642 -39.94 -14.70 44.22
N GLN A 643 -38.71 -14.72 43.66
CA GLN A 643 -37.69 -13.76 44.05
C GLN A 643 -36.76 -13.59 42.86
N PRO A 644 -36.12 -12.42 42.74
CA PRO A 644 -35.17 -12.22 41.63
C PRO A 644 -33.93 -13.09 41.77
N GLU A 645 -33.32 -13.38 40.63
CA GLU A 645 -32.11 -14.18 40.56
C GLU A 645 -30.98 -13.35 39.95
N ALA A 646 -29.75 -13.69 40.30
CA ALA A 646 -28.56 -13.02 39.79
C ALA A 646 -27.76 -13.98 38.92
N TYR A 647 -27.42 -13.54 37.72
CA TYR A 647 -26.64 -14.33 36.77
C TYR A 647 -25.27 -13.71 36.61
N VAL A 648 -24.24 -14.56 36.67
CA VAL A 648 -22.85 -14.11 36.66
C VAL A 648 -22.13 -14.77 35.49
N LYS A 649 -21.43 -13.95 34.70
CA LYS A 649 -20.63 -14.43 33.57
C LYS A 649 -19.21 -13.91 33.73
N GLY A 650 -18.24 -14.80 33.55
CA GLY A 650 -16.85 -14.39 33.68
C GLY A 650 -15.91 -15.54 33.38
N SER A 651 -14.68 -15.39 33.84
CA SER A 651 -13.68 -16.42 33.61
C SER A 651 -14.13 -17.69 34.35
N PRO A 652 -14.19 -18.84 33.67
CA PRO A 652 -14.76 -20.03 34.32
C PRO A 652 -14.02 -20.50 35.55
N GLU A 653 -12.70 -20.34 35.61
CA GLU A 653 -11.97 -20.75 36.81
C GLU A 653 -12.28 -19.83 37.98
N LEU A 654 -12.48 -18.53 37.71
CA LEU A 654 -12.85 -17.59 38.76
C LEU A 654 -14.31 -17.75 39.17
N VAL A 655 -15.20 -17.95 38.20
CA VAL A 655 -16.61 -18.12 38.52
C VAL A 655 -16.84 -19.39 39.31
N ALA A 656 -16.19 -20.48 38.91
CA ALA A 656 -16.35 -21.75 39.63
C ALA A 656 -15.88 -21.63 41.08
N GLY A 657 -14.89 -20.78 41.34
CA GLY A 657 -14.49 -20.53 42.72
C GLY A 657 -15.59 -19.89 43.52
N LEU A 658 -16.32 -18.94 42.92
CA LEU A 658 -17.43 -18.31 43.60
C LEU A 658 -18.64 -19.24 43.68
N CYS A 659 -18.72 -20.23 42.80
CA CYS A 659 -19.81 -21.19 42.84
C CYS A 659 -19.65 -22.12 44.04
N ASN A 660 -20.77 -22.73 44.42
CA ASN A 660 -20.73 -23.66 45.53
C ASN A 660 -19.85 -24.87 45.20
N PRO A 661 -19.01 -25.32 46.14
CA PRO A 661 -18.16 -26.49 45.87
C PRO A 661 -18.97 -27.74 45.53
N GLU A 662 -20.13 -27.92 46.14
CA GLU A 662 -20.97 -29.08 45.84
C GLU A 662 -21.72 -28.94 44.52
N THR A 663 -21.70 -27.76 43.90
CA THR A 663 -22.39 -27.57 42.63
C THR A 663 -21.42 -27.79 41.45
N VAL A 664 -20.16 -27.39 41.59
CA VAL A 664 -19.17 -27.54 40.53
C VAL A 664 -18.84 -29.02 40.33
N PRO A 665 -19.02 -29.56 39.13
CA PRO A 665 -18.67 -30.97 38.90
C PRO A 665 -17.19 -31.22 39.07
N THR A 666 -16.85 -32.46 39.43
CA THR A 666 -15.46 -32.82 39.66
C THR A 666 -14.69 -32.85 38.32
N ASP A 667 -15.38 -33.10 37.21
CA ASP A 667 -14.78 -33.09 35.88
C ASP A 667 -14.71 -31.70 35.24
N PHE A 668 -14.85 -30.64 36.04
CA PHE A 668 -14.85 -29.29 35.50
C PHE A 668 -13.52 -28.94 34.86
N ALA A 669 -12.41 -29.28 35.54
CA ALA A 669 -11.09 -28.88 35.07
C ALA A 669 -10.73 -29.55 33.75
N GLN A 670 -11.01 -30.85 33.63
CA GLN A 670 -10.63 -31.57 32.41
C GLN A 670 -11.44 -31.09 31.21
N MET A 671 -12.75 -30.90 31.38
CA MET A 671 -13.56 -30.38 30.29
C MET A 671 -13.14 -28.96 29.92
N LEU A 672 -12.82 -28.14 30.92
CA LEU A 672 -12.36 -26.79 30.65
C LEU A 672 -11.06 -26.80 29.84
N GLN A 673 -10.10 -27.63 30.25
CA GLN A 673 -8.86 -27.76 29.49
C GLN A 673 -9.08 -28.25 28.08
N SER A 674 -9.98 -29.23 27.91
CA SER A 674 -10.19 -29.78 26.58
C SER A 674 -10.83 -28.72 25.68
N TYR A 675 -11.75 -27.91 26.22
CA TYR A 675 -12.38 -26.87 25.40
C TYR A 675 -11.43 -25.73 25.11
N THR A 676 -10.68 -25.28 26.12
CA THR A 676 -9.85 -24.08 25.96
C THR A 676 -8.67 -24.33 25.04
N ALA A 677 -8.01 -25.48 25.18
CA ALA A 677 -6.84 -25.79 24.36
C ALA A 677 -7.20 -26.05 22.90
N ALA A 678 -8.49 -26.23 22.58
CA ALA A 678 -8.92 -26.48 21.22
C ALA A 678 -9.24 -25.22 20.44
N GLY A 679 -8.95 -24.05 21.01
CA GLY A 679 -9.26 -22.78 20.39
C GLY A 679 -10.58 -22.17 20.81
N TYR A 680 -11.40 -22.91 21.54
CA TYR A 680 -12.67 -22.37 22.00
C TYR A 680 -12.45 -21.30 23.07
N ARG A 681 -13.45 -20.44 23.21
CA ARG A 681 -13.49 -19.43 24.27
C ARG A 681 -14.71 -19.74 25.12
N VAL A 682 -14.46 -20.20 26.34
CA VAL A 682 -15.50 -20.63 27.28
C VAL A 682 -15.72 -19.59 28.34
N VAL A 683 -16.99 -19.26 28.59
CA VAL A 683 -17.39 -18.38 29.68
C VAL A 683 -18.37 -19.13 30.56
N ALA A 684 -18.23 -18.96 31.87
CA ALA A 684 -19.07 -19.67 32.83
C ALA A 684 -20.27 -18.82 33.22
N LEU A 685 -21.43 -19.48 33.32
CA LEU A 685 -22.67 -18.85 33.73
C LEU A 685 -23.16 -19.50 35.01
N ALA A 686 -23.46 -18.68 36.02
CA ALA A 686 -23.91 -19.18 37.31
C ALA A 686 -25.06 -18.31 37.81
N SER A 687 -25.88 -18.90 38.68
CA SER A 687 -27.05 -18.26 39.26
C SER A 687 -27.13 -18.49 40.75
N LYS A 688 -27.84 -17.61 41.44
CA LYS A 688 -28.12 -17.74 42.85
C LYS A 688 -29.43 -17.04 43.17
N PRO A 689 -30.26 -17.62 44.03
CA PRO A 689 -31.48 -16.92 44.44
C PRO A 689 -31.18 -15.74 45.36
N LEU A 690 -31.99 -14.69 45.24
CA LEU A 690 -31.80 -13.50 46.09
C LEU A 690 -33.06 -13.34 46.94
N PRO A 691 -32.96 -13.42 48.27
CA PRO A 691 -34.14 -13.21 49.13
C PRO A 691 -34.68 -11.79 49.11
N THR A 692 -34.06 -10.89 48.37
CA THR A 692 -34.55 -9.51 48.29
C THR A 692 -35.91 -9.47 47.64
N VAL A 693 -36.78 -8.62 48.17
CA VAL A 693 -38.10 -8.39 47.57
C VAL A 693 -37.98 -7.91 46.14
N PRO A 694 -38.78 -8.42 45.20
CA PRO A 694 -38.65 -7.96 43.81
C PRO A 694 -39.13 -6.53 43.63
N SER A 695 -38.16 -5.61 43.48
CA SER A 695 -38.48 -4.21 43.26
C SER A 695 -37.19 -3.52 42.84
N LEU A 696 -37.33 -2.40 42.11
CA LEU A 696 -36.16 -1.69 41.62
C LEU A 696 -35.46 -0.91 42.74
N GLU A 697 -36.21 -0.50 43.76
CA GLU A 697 -35.63 0.33 44.83
C GLU A 697 -34.59 -0.45 45.62
N ALA A 698 -34.93 -1.65 46.08
CA ALA A 698 -33.99 -2.45 46.86
C ALA A 698 -32.92 -3.08 45.98
N ALA A 699 -33.24 -3.38 44.72
CA ALA A 699 -32.26 -4.02 43.83
C ALA A 699 -31.08 -3.11 43.56
N GLN A 700 -31.32 -1.80 43.40
CA GLN A 700 -30.25 -0.86 43.11
C GLN A 700 -29.24 -0.74 44.24
N GLN A 701 -29.60 -1.20 45.44
CA GLN A 701 -28.69 -1.14 46.59
C GLN A 701 -27.82 -2.37 46.72
N LEU A 702 -28.05 -3.40 45.89
CA LEU A 702 -27.21 -4.58 45.94
C LEU A 702 -25.77 -4.27 45.56
N THR A 703 -24.82 -4.84 46.33
CA THR A 703 -23.42 -4.62 46.07
C THR A 703 -22.92 -5.76 45.15
N ARG A 704 -21.88 -5.46 44.37
CA ARG A 704 -21.32 -6.46 43.47
C ARG A 704 -20.72 -7.62 44.25
N ASP A 705 -20.10 -7.34 45.39
CA ASP A 705 -19.48 -8.38 46.19
C ASP A 705 -20.53 -9.40 46.67
N THR A 706 -21.70 -8.92 47.10
CA THR A 706 -22.72 -9.82 47.61
C THR A 706 -23.25 -10.73 46.50
N VAL A 707 -23.47 -10.17 45.31
CA VAL A 707 -23.97 -10.95 44.18
C VAL A 707 -22.93 -11.95 43.68
N GLU A 708 -21.67 -11.55 43.60
CA GLU A 708 -20.64 -12.42 43.05
C GLU A 708 -20.45 -13.67 43.89
N GLY A 709 -20.56 -13.55 45.22
CA GLY A 709 -20.34 -14.68 46.08
C GLY A 709 -21.53 -15.62 46.16
N ASP A 710 -21.24 -16.86 46.55
CA ASP A 710 -22.26 -17.89 46.80
C ASP A 710 -23.12 -18.14 45.56
N LEU A 711 -22.48 -18.64 44.51
CA LEU A 711 -23.16 -18.92 43.25
C LEU A 711 -23.40 -20.42 43.10
N SER A 712 -24.19 -20.75 42.07
CA SER A 712 -24.43 -22.14 41.70
C SER A 712 -24.22 -22.24 40.19
N LEU A 713 -23.28 -23.09 39.78
CA LEU A 713 -22.89 -23.17 38.37
C LEU A 713 -24.03 -23.73 37.53
N LEU A 714 -24.43 -22.97 36.51
CA LEU A 714 -25.47 -23.41 35.59
C LEU A 714 -24.89 -24.15 34.40
N GLY A 715 -23.81 -23.65 33.82
CA GLY A 715 -23.21 -24.30 32.67
C GLY A 715 -22.05 -23.47 32.15
N LEU A 716 -21.40 -24.01 31.12
CA LEU A 716 -20.29 -23.35 30.45
C LEU A 716 -20.70 -23.04 29.02
N LEU A 717 -20.57 -21.78 28.63
CA LEU A 717 -20.89 -21.35 27.28
C LEU A 717 -19.61 -21.39 26.44
N VAL A 718 -19.62 -22.19 25.39
CA VAL A 718 -18.45 -22.38 24.54
C VAL A 718 -18.62 -21.60 23.25
N MET A 719 -17.61 -20.82 22.89
CA MET A 719 -17.66 -19.94 21.72
C MET A 719 -16.43 -20.19 20.87
N ARG A 720 -16.64 -20.37 19.57
CA ARG A 720 -15.56 -20.61 18.62
C ARG A 720 -15.49 -19.47 17.61
N ASN A 721 -14.28 -19.21 17.14
CA ASN A 721 -14.01 -18.21 16.11
C ASN A 721 -13.59 -18.95 14.85
N LEU A 722 -14.56 -19.27 14.00
CA LEU A 722 -14.31 -20.20 12.91
C LEU A 722 -13.31 -19.64 11.92
N LEU A 723 -12.61 -20.53 11.24
CA LEU A 723 -11.64 -20.15 10.22
C LEU A 723 -12.35 -19.95 8.89
N LYS A 724 -12.09 -18.81 8.25
CA LYS A 724 -12.72 -18.53 6.97
C LYS A 724 -12.40 -19.65 5.98
N PRO A 725 -13.34 -20.02 5.12
CA PRO A 725 -13.05 -21.08 4.14
C PRO A 725 -11.94 -20.73 3.18
N GLN A 726 -11.73 -19.44 2.91
CA GLN A 726 -10.75 -19.00 1.92
C GLN A 726 -9.37 -18.75 2.51
N THR A 727 -9.14 -19.09 3.78
CA THR A 727 -7.87 -18.78 4.41
C THR A 727 -6.86 -19.92 4.23
N THR A 728 -7.31 -21.16 4.42
CA THR A 728 -6.38 -22.28 4.30
C THR A 728 -5.79 -22.43 2.91
N PRO A 729 -6.56 -22.33 1.81
CA PRO A 729 -5.91 -22.41 0.49
C PRO A 729 -4.92 -21.30 0.23
N VAL A 730 -5.22 -20.09 0.69
CA VAL A 730 -4.30 -18.97 0.49
C VAL A 730 -3.02 -19.20 1.27
N ILE A 731 -3.11 -19.69 2.50
CA ILE A 731 -1.89 -19.91 3.27
C ILE A 731 -1.07 -21.05 2.67
N GLN A 732 -1.74 -22.08 2.16
CA GLN A 732 -0.97 -23.15 1.53
C GLN A 732 -0.32 -22.67 0.24
N ALA A 733 -1.00 -21.83 -0.53
CA ALA A 733 -0.42 -21.31 -1.77
C ALA A 733 0.57 -20.19 -1.53
N LEU A 734 0.66 -19.69 -0.31
CA LEU A 734 1.75 -18.79 0.05
C LEU A 734 2.95 -19.54 0.61
N ARG A 735 2.72 -20.70 1.24
CA ARG A 735 3.85 -21.46 1.77
C ARG A 735 4.43 -22.47 0.79
N ARG A 736 3.72 -22.80 -0.30
CA ARG A 736 4.32 -23.63 -1.33
C ARG A 736 4.99 -22.79 -2.42
N THR A 737 4.99 -21.46 -2.28
CA THR A 737 5.74 -20.58 -3.14
C THR A 737 6.89 -19.90 -2.40
N ARG A 738 7.23 -20.43 -1.21
CA ARG A 738 8.34 -19.93 -0.41
C ARG A 738 8.20 -18.44 -0.10
N ILE A 739 7.01 -18.06 0.33
CA ILE A 739 6.73 -16.74 0.89
C ILE A 739 6.29 -16.98 2.32
N ARG A 740 7.18 -16.66 3.27
CA ARG A 740 6.88 -16.89 4.68
C ARG A 740 5.55 -16.27 5.06
N ALA A 741 4.80 -16.95 5.92
CA ALA A 741 3.56 -16.45 6.44
C ALA A 741 3.67 -16.37 7.95
N VAL A 742 3.34 -15.20 8.51
CA VAL A 742 3.44 -14.95 9.93
C VAL A 742 2.10 -14.41 10.41
N MET A 743 1.71 -14.76 11.63
CA MET A 743 0.47 -14.29 12.23
C MET A 743 0.83 -13.35 13.36
N VAL A 744 0.52 -12.07 13.19
CA VAL A 744 0.76 -11.07 14.21
C VAL A 744 -0.58 -10.71 14.80
N THR A 745 -0.97 -11.42 15.85
CA THR A 745 -2.28 -11.26 16.45
C THR A 745 -2.17 -10.66 17.84
N GLY A 746 -3.31 -10.24 18.37
CA GLY A 746 -3.42 -9.78 19.74
C GLY A 746 -4.29 -10.66 20.61
N ASP A 747 -4.57 -11.89 20.18
CA ASP A 747 -5.44 -12.80 20.90
C ASP A 747 -4.59 -13.65 21.86
N ASN A 748 -5.17 -14.72 22.39
CA ASN A 748 -4.43 -15.64 23.25
C ASN A 748 -3.28 -16.26 22.47
N LEU A 749 -2.41 -16.96 23.20
CA LEU A 749 -1.36 -17.70 22.52
C LEU A 749 -1.80 -19.09 22.13
N GLN A 750 -2.67 -19.73 22.92
CA GLN A 750 -3.12 -21.07 22.56
C GLN A 750 -4.12 -21.01 21.42
N THR A 751 -5.00 -20.01 21.42
CA THR A 751 -5.94 -19.84 20.32
C THR A 751 -5.21 -19.49 19.03
N ALA A 752 -4.21 -18.61 19.11
CA ALA A 752 -3.41 -18.30 17.94
C ALA A 752 -2.68 -19.54 17.43
N VAL A 753 -2.08 -20.33 18.33
CA VAL A 753 -1.37 -21.51 17.89
C VAL A 753 -2.32 -22.50 17.23
N THR A 754 -3.54 -22.62 17.74
CA THR A 754 -4.48 -23.59 17.16
C THR A 754 -5.01 -23.11 15.81
N VAL A 755 -5.25 -21.80 15.66
CA VAL A 755 -5.62 -21.26 14.35
C VAL A 755 -4.49 -21.48 13.36
N ALA A 756 -3.27 -21.07 13.72
CA ALA A 756 -2.14 -21.22 12.81
C ALA A 756 -1.93 -22.68 12.41
N ARG A 757 -2.04 -23.59 13.36
CA ARG A 757 -1.89 -25.00 13.03
C ARG A 757 -3.06 -25.50 12.19
N GLY A 758 -4.21 -24.84 12.29
CA GLY A 758 -5.35 -25.23 11.47
C GLY A 758 -5.38 -24.57 10.11
N CYS A 759 -4.82 -23.36 10.00
CA CYS A 759 -4.87 -22.61 8.76
C CYS A 759 -3.61 -22.79 7.91
N GLY A 760 -2.84 -23.84 8.16
CA GLY A 760 -1.74 -24.20 7.29
C GLY A 760 -0.44 -23.49 7.54
N MET A 761 -0.36 -22.58 8.50
CA MET A 761 0.92 -21.93 8.78
C MET A 761 1.91 -22.90 9.41
N VAL A 762 1.42 -23.97 10.04
CA VAL A 762 2.25 -24.99 10.66
C VAL A 762 1.70 -26.33 10.21
N ALA A 763 2.37 -26.99 9.27
CA ALA A 763 1.98 -28.32 8.87
C ALA A 763 2.00 -29.25 10.09
N PRO A 764 1.29 -30.39 10.02
CA PRO A 764 1.26 -31.27 11.20
C PRO A 764 2.62 -31.81 11.61
N GLN A 765 3.61 -31.83 10.71
CA GLN A 765 4.92 -32.40 11.01
C GLN A 765 6.00 -31.34 11.20
N GLU A 766 5.63 -30.07 11.29
CA GLU A 766 6.58 -29.00 11.60
C GLU A 766 6.44 -28.65 13.07
N HIS A 767 7.55 -28.70 13.80
CA HIS A 767 7.52 -28.41 15.22
C HIS A 767 7.25 -26.93 15.45
N LEU A 768 6.49 -26.63 16.49
CA LEU A 768 6.25 -25.26 16.93
C LEU A 768 6.68 -25.16 18.39
N ILE A 769 7.76 -24.43 18.64
CA ILE A 769 8.38 -24.33 19.95
C ILE A 769 7.94 -23.00 20.56
N ILE A 770 6.99 -23.05 21.49
CA ILE A 770 6.64 -21.86 22.24
C ILE A 770 7.86 -21.40 23.03
N VAL A 771 8.34 -20.20 22.72
CA VAL A 771 9.46 -19.60 23.43
C VAL A 771 8.92 -18.69 24.51
N HIS A 772 9.40 -18.85 25.73
CA HIS A 772 8.90 -18.12 26.89
C HIS A 772 10.04 -17.38 27.54
N ALA A 773 9.83 -16.10 27.83
CA ALA A 773 10.80 -15.25 28.49
C ALA A 773 10.24 -14.83 29.83
N THR A 774 10.90 -15.25 30.91
CA THR A 774 10.45 -14.93 32.26
C THR A 774 10.94 -13.55 32.64
N HIS A 775 10.07 -12.77 33.28
CA HIS A 775 10.37 -11.37 33.54
C HIS A 775 11.55 -11.26 34.51
N PRO A 776 12.53 -10.39 34.23
CA PRO A 776 13.69 -10.28 35.11
C PRO A 776 13.37 -9.62 36.43
N GLU A 777 13.36 -10.41 37.51
CA GLU A 777 13.14 -9.87 38.84
C GLU A 777 14.44 -9.31 39.41
N ARG A 778 14.40 -8.88 40.66
CA ARG A 778 15.58 -8.34 41.30
C ARG A 778 16.58 -9.46 41.59
N GLY A 779 17.80 -9.30 41.08
CA GLY A 779 18.85 -10.27 41.30
C GLY A 779 18.99 -11.34 40.23
N GLN A 780 18.11 -11.37 39.24
CA GLN A 780 18.16 -12.36 38.18
C GLN A 780 17.83 -11.71 36.85
N PRO A 781 18.48 -12.14 35.77
CA PRO A 781 18.16 -11.58 34.45
C PRO A 781 17.00 -12.31 33.79
N ALA A 782 16.63 -11.87 32.59
CA ALA A 782 15.58 -12.54 31.84
C ALA A 782 16.07 -13.90 31.37
N SER A 783 15.17 -14.88 31.37
CA SER A 783 15.49 -16.26 31.03
C SER A 783 14.59 -16.73 29.90
N LEU A 784 15.20 -17.25 28.84
CA LEU A 784 14.46 -17.85 27.74
C LEU A 784 14.34 -19.35 27.97
N GLU A 785 13.12 -19.84 28.04
CA GLU A 785 12.83 -21.26 28.17
C GLU A 785 11.93 -21.68 27.01
N PHE A 786 12.29 -22.76 26.35
CA PHE A 786 11.59 -23.24 25.16
C PHE A 786 10.77 -24.46 25.54
N LEU A 787 9.45 -24.34 25.47
CA LEU A 787 8.55 -25.46 25.74
C LEU A 787 7.79 -25.82 24.48
N PRO A 788 8.06 -26.97 23.87
CA PRO A 788 7.50 -27.26 22.53
C PRO A 788 6.02 -27.61 22.55
N MET A 789 5.49 -27.99 21.39
CA MET A 789 4.11 -28.40 21.23
C MET A 789 4.04 -29.78 20.59
N GLU A 790 3.10 -30.59 21.05
CA GLU A 790 2.81 -31.87 20.44
C GLU A 790 1.61 -31.72 19.51
N SER A 791 1.71 -32.32 18.32
CA SER A 791 0.66 -32.19 17.30
C SER A 791 -0.70 -32.66 17.80
N ARG A 814 11.08 -23.22 8.39
CA ARG A 814 10.40 -24.27 7.66
C ARG A 814 10.17 -25.48 8.55
N SER A 815 11.23 -26.20 8.87
CA SER A 815 11.14 -27.40 9.70
C SER A 815 11.05 -27.08 11.18
N ARG A 816 10.99 -25.81 11.56
CA ARG A 816 10.86 -25.43 12.96
C ARG A 816 10.35 -24.01 13.05
N HIS A 817 9.37 -23.79 13.91
CA HIS A 817 8.77 -22.49 14.13
C HIS A 817 8.91 -22.09 15.59
N LEU A 818 8.49 -20.88 15.90
CA LEU A 818 8.47 -20.38 17.27
C LEU A 818 7.25 -19.49 17.45
N ALA A 819 6.56 -19.68 18.56
CA ALA A 819 5.33 -18.94 18.87
C ALA A 819 5.60 -18.05 20.07
N LEU A 820 6.03 -16.82 19.80
CA LEU A 820 6.25 -15.85 20.85
C LEU A 820 4.94 -15.36 21.43
N SER A 821 5.04 -14.46 22.40
CA SER A 821 3.93 -13.70 22.92
C SER A 821 4.24 -12.22 22.75
N GLY A 822 3.41 -11.37 23.34
CA GLY A 822 3.68 -9.95 23.36
C GLY A 822 4.77 -9.59 24.35
N PRO A 823 4.54 -9.90 25.64
CA PRO A 823 5.59 -9.67 26.63
C PRO A 823 6.88 -10.40 26.31
N THR A 824 6.80 -11.65 25.88
CA THR A 824 8.01 -12.38 25.52
C THR A 824 8.76 -11.70 24.39
N PHE A 825 8.03 -11.18 23.40
CA PHE A 825 8.70 -10.48 22.30
C PHE A 825 9.35 -9.20 22.79
N GLY A 826 8.68 -8.46 23.67
CA GLY A 826 9.30 -7.28 24.23
C GLY A 826 10.55 -7.58 25.02
N ILE A 827 10.52 -8.65 25.80
CA ILE A 827 11.68 -9.05 26.60
C ILE A 827 12.83 -9.46 25.69
N ILE A 828 12.52 -10.19 24.61
CA ILE A 828 13.58 -10.64 23.71
C ILE A 828 14.16 -9.45 22.94
N VAL A 829 13.34 -8.46 22.62
CA VAL A 829 13.87 -7.25 21.97
C VAL A 829 14.78 -6.49 22.93
N LYS A 830 14.35 -6.32 24.18
CA LYS A 830 15.12 -5.52 25.12
C LYS A 830 16.41 -6.21 25.54
N HIS A 831 16.29 -7.38 26.16
CA HIS A 831 17.45 -8.02 26.79
C HIS A 831 18.37 -8.71 25.78
N PHE A 832 17.81 -9.41 24.80
CA PHE A 832 18.59 -10.27 23.91
C PHE A 832 18.49 -9.78 22.46
N PRO A 833 19.18 -8.70 22.10
CA PRO A 833 19.30 -8.35 20.68
C PRO A 833 20.24 -9.25 19.91
N LYS A 834 20.87 -10.22 20.55
CA LYS A 834 21.66 -11.23 19.85
C LYS A 834 20.83 -12.42 19.42
N LEU A 835 19.85 -12.80 20.23
CA LEU A 835 18.96 -13.91 19.93
C LEU A 835 17.67 -13.46 19.25
N LEU A 836 17.61 -12.20 18.82
CA LEU A 836 16.45 -11.64 18.15
C LEU A 836 16.35 -12.04 16.68
N PRO A 837 17.45 -12.01 15.91
CA PRO A 837 17.35 -12.46 14.51
C PRO A 837 16.94 -13.91 14.39
N LYS A 838 17.46 -14.79 15.23
CA LYS A 838 17.06 -16.19 15.18
C LYS A 838 15.71 -16.42 15.83
N VAL A 839 14.98 -15.36 16.18
CA VAL A 839 13.61 -15.44 16.61
C VAL A 839 12.65 -14.86 15.58
N LEU A 840 13.10 -13.86 14.83
CA LEU A 840 12.31 -13.32 13.74
C LEU A 840 12.56 -14.00 12.41
N VAL A 841 13.58 -14.85 12.31
CA VAL A 841 13.78 -15.59 11.07
C VAL A 841 12.92 -16.85 11.04
N GLN A 842 12.60 -17.42 12.20
CA GLN A 842 11.81 -18.64 12.26
C GLN A 842 10.54 -18.51 13.09
N GLY A 843 10.29 -17.36 13.69
CA GLY A 843 9.07 -17.20 14.48
C GLY A 843 7.86 -17.08 13.57
N THR A 844 6.81 -17.85 13.86
CA THR A 844 5.59 -17.88 13.06
C THR A 844 4.41 -17.23 13.75
N VAL A 845 4.08 -17.68 14.96
CA VAL A 845 2.95 -17.15 15.71
C VAL A 845 3.45 -16.07 16.64
N PHE A 846 2.88 -14.88 16.52
CA PHE A 846 3.22 -13.76 17.39
C PHE A 846 1.91 -13.33 18.04
N ALA A 847 1.59 -13.94 19.18
CA ALA A 847 0.31 -13.73 19.83
C ALA A 847 0.42 -12.72 20.96
N ARG A 848 -0.73 -12.27 21.46
CA ARG A 848 -0.80 -11.29 22.53
C ARG A 848 0.00 -10.03 22.21
N MET A 849 0.09 -9.69 20.92
CA MET A 849 0.88 -8.55 20.49
C MET A 849 0.03 -7.29 20.56
N ALA A 850 0.54 -6.27 21.26
CA ALA A 850 -0.14 -5.00 21.36
C ALA A 850 -0.09 -4.26 20.03
N PRO A 851 -1.04 -3.37 19.76
CA PRO A 851 -1.05 -2.66 18.47
C PRO A 851 0.26 -1.95 18.15
N GLU A 852 1.02 -1.54 19.16
CA GLU A 852 2.33 -0.95 18.89
C GLU A 852 3.39 -2.02 18.67
N GLN A 853 3.22 -3.21 19.25
CA GLN A 853 4.20 -4.26 19.04
C GLN A 853 4.09 -4.88 17.67
N LYS A 854 2.92 -4.79 17.03
CA LYS A 854 2.84 -5.20 15.63
C LYS A 854 3.74 -4.34 14.76
N THR A 855 3.72 -3.03 14.96
CA THR A 855 4.59 -2.14 14.20
C THR A 855 6.05 -2.35 14.57
N GLU A 856 6.33 -2.51 15.87
CA GLU A 856 7.67 -2.92 16.30
C GLU A 856 8.20 -4.11 15.55
N LEU A 857 7.38 -5.16 15.47
CA LEU A 857 7.81 -6.38 14.82
C LEU A 857 7.96 -6.21 13.32
N VAL A 858 7.07 -5.44 12.69
CA VAL A 858 7.19 -5.24 11.24
C VAL A 858 8.48 -4.48 10.93
N CYS A 859 8.80 -3.46 11.74
CA CYS A 859 10.06 -2.75 11.52
C CYS A 859 11.26 -3.66 11.78
N GLU A 860 11.20 -4.47 12.83
CA GLU A 860 12.30 -5.37 13.13
C GLU A 860 12.48 -6.42 12.04
N LEU A 861 11.39 -6.81 11.37
CA LEU A 861 11.47 -7.77 10.29
C LEU A 861 11.97 -7.11 9.01
N GLN A 862 11.71 -5.82 8.84
CA GLN A 862 12.30 -5.09 7.73
C GLN A 862 13.80 -4.87 7.94
N LYS A 863 14.25 -4.83 9.21
CA LYS A 863 15.68 -4.69 9.46
C LYS A 863 16.47 -5.95 9.10
N LEU A 864 15.80 -7.07 8.84
CA LEU A 864 16.44 -8.26 8.31
C LEU A 864 16.34 -8.32 6.79
N GLN A 865 15.97 -7.22 6.15
CA GLN A 865 15.85 -7.09 4.71
C GLN A 865 14.72 -7.91 4.12
N TYR A 866 13.72 -8.27 4.93
CA TYR A 866 12.49 -8.82 4.40
C TYR A 866 11.72 -7.72 3.69
N CYS A 867 10.97 -8.10 2.66
CA CYS A 867 9.98 -7.21 2.07
C CYS A 867 8.62 -7.57 2.65
N VAL A 868 8.49 -7.38 3.97
CA VAL A 868 7.30 -7.83 4.67
C VAL A 868 6.09 -7.03 4.19
N GLY A 869 4.96 -7.71 4.06
CA GLY A 869 3.70 -7.03 3.79
C GLY A 869 2.56 -7.56 4.64
N MET A 870 1.98 -6.70 5.47
CA MET A 870 0.94 -7.11 6.39
C MET A 870 -0.44 -7.00 5.76
N CYS A 871 -1.32 -7.94 6.10
CA CYS A 871 -2.70 -7.95 5.63
C CYS A 871 -3.62 -8.06 6.83
N GLY A 872 -4.04 -6.92 7.39
CA GLY A 872 -4.97 -6.91 8.49
C GLY A 872 -6.13 -5.98 8.18
N ASP A 873 -7.14 -6.01 9.05
CA ASP A 873 -8.38 -5.30 8.79
C ASP A 873 -8.82 -4.33 9.87
N GLY A 874 -8.64 -4.67 11.15
CA GLY A 874 -9.23 -3.90 12.23
C GLY A 874 -8.49 -2.62 12.52
N ALA A 875 -8.74 -2.10 13.73
CA ALA A 875 -8.08 -0.88 14.17
C ALA A 875 -6.74 -1.15 14.85
N ASN A 876 -6.49 -2.40 15.23
CA ASN A 876 -5.21 -2.74 15.83
C ASN A 876 -4.09 -2.74 14.79
N ASP A 877 -4.43 -3.07 13.55
CA ASP A 877 -3.44 -3.28 12.51
C ASP A 877 -2.97 -1.98 11.85
N CYS A 878 -3.79 -0.93 11.88
CA CYS A 878 -3.49 0.28 11.12
C CYS A 878 -2.20 0.95 11.54
N GLY A 879 -1.59 0.51 12.64
CA GLY A 879 -0.27 1.00 12.98
C GLY A 879 0.82 0.34 12.16
N ALA A 880 0.66 -0.96 11.89
CA ALA A 880 1.66 -1.71 11.15
C ALA A 880 1.39 -1.76 9.65
N LEU A 881 0.14 -1.55 9.23
CA LEU A 881 -0.16 -1.49 7.81
C LEU A 881 0.56 -0.35 7.12
N LYS A 882 1.07 0.63 7.88
CA LYS A 882 1.89 1.70 7.34
C LYS A 882 3.36 1.32 7.29
N ALA A 883 3.85 0.63 8.33
CA ALA A 883 5.26 0.26 8.37
C ALA A 883 5.57 -0.88 7.41
N ALA A 884 4.58 -1.70 7.08
CA ALA A 884 4.80 -2.83 6.18
C ALA A 884 5.00 -2.34 4.75
N ASP A 885 5.83 -3.05 4.00
CA ASP A 885 6.13 -2.62 2.64
C ASP A 885 4.92 -2.71 1.74
N VAL A 886 4.01 -3.64 2.00
CA VAL A 886 2.74 -3.71 1.28
C VAL A 886 1.63 -4.03 2.27
N GLY A 887 0.88 -3.01 2.68
CA GLY A 887 -0.21 -3.21 3.61
C GLY A 887 -1.53 -3.30 2.87
N ILE A 888 -2.33 -4.30 3.21
CA ILE A 888 -3.64 -4.52 2.60
C ILE A 888 -4.67 -4.48 3.72
N SER A 889 -5.54 -3.49 3.70
CA SER A 889 -6.64 -3.41 4.66
C SER A 889 -7.79 -4.24 4.12
N LEU A 890 -8.11 -5.31 4.82
CA LEU A 890 -8.93 -6.38 4.25
C LEU A 890 -10.33 -5.89 3.91
N SER A 891 -11.10 -5.48 4.90
CA SER A 891 -12.47 -5.02 4.69
C SER A 891 -12.49 -3.50 4.70
N GLN A 892 -12.75 -2.91 3.54
CA GLN A 892 -12.79 -1.47 3.42
C GLN A 892 -13.93 -1.04 2.50
N ALA A 893 -14.07 0.28 2.39
CA ALA A 893 -14.97 0.92 1.45
C ALA A 893 -14.21 1.13 0.14
N GLU A 894 -14.75 1.96 -0.76
CA GLU A 894 -14.10 2.25 -2.03
C GLU A 894 -12.63 2.61 -1.85
N ALA A 895 -12.30 3.35 -0.78
CA ALA A 895 -10.91 3.66 -0.48
C ALA A 895 -10.83 4.19 0.94
N SER A 896 -9.60 4.29 1.45
CA SER A 896 -9.37 4.81 2.79
C SER A 896 -7.90 5.16 2.95
N VAL A 897 -7.62 5.96 3.99
CA VAL A 897 -6.26 6.40 4.27
C VAL A 897 -5.48 5.42 5.15
N VAL A 898 -6.09 4.31 5.56
CA VAL A 898 -5.52 3.49 6.62
C VAL A 898 -4.23 2.83 6.13
N SER A 899 -4.20 2.39 4.88
CA SER A 899 -3.08 1.61 4.35
C SER A 899 -2.93 1.90 2.87
N PRO A 900 -1.74 1.65 2.30
CA PRO A 900 -1.55 1.83 0.85
C PRO A 900 -2.59 1.10 0.02
N PHE A 901 -2.68 -0.21 0.18
CA PHE A 901 -3.74 -0.98 -0.47
C PHE A 901 -4.95 -1.08 0.44
N THR A 902 -6.08 -1.42 -0.17
CA THR A 902 -7.28 -1.81 0.55
C THR A 902 -7.88 -2.99 -0.20
N SER A 903 -9.11 -3.34 0.14
CA SER A 903 -9.79 -4.41 -0.56
C SER A 903 -11.27 -4.36 -0.21
N SER A 904 -12.08 -4.89 -1.11
CA SER A 904 -13.53 -4.92 -0.91
C SER A 904 -14.03 -6.34 -0.73
N MET A 905 -13.21 -7.20 -0.11
CA MET A 905 -13.59 -8.57 0.19
C MET A 905 -13.27 -8.86 1.64
N ALA A 906 -13.78 -9.99 2.13
CA ALA A 906 -13.64 -10.35 3.52
C ALA A 906 -12.53 -11.38 3.77
N SER A 907 -12.08 -12.09 2.73
CA SER A 907 -11.07 -13.12 2.89
C SER A 907 -9.70 -12.60 2.51
N ILE A 908 -8.67 -13.39 2.80
CA ILE A 908 -7.29 -13.01 2.52
C ILE A 908 -6.94 -13.43 1.10
N GLU A 909 -7.95 -13.78 0.30
CA GLU A 909 -7.70 -14.12 -1.10
C GLU A 909 -7.06 -12.98 -1.87
N CYS A 910 -6.99 -11.79 -1.29
CA CYS A 910 -6.42 -10.63 -1.95
C CYS A 910 -4.93 -10.45 -1.71
N VAL A 911 -4.29 -11.32 -0.95
CA VAL A 911 -2.83 -11.28 -0.85
C VAL A 911 -2.23 -11.96 -2.08
N PRO A 912 -2.69 -13.14 -2.49
CA PRO A 912 -2.23 -13.65 -3.78
C PRO A 912 -2.61 -12.79 -4.96
N MET A 913 -3.78 -12.15 -4.92
CA MET A 913 -4.16 -11.27 -6.02
C MET A 913 -3.27 -10.04 -6.11
N VAL A 914 -2.60 -9.67 -5.02
CA VAL A 914 -1.64 -8.57 -5.07
C VAL A 914 -0.27 -9.06 -5.44
N ILE A 915 0.15 -10.24 -4.96
CA ILE A 915 1.48 -10.73 -5.31
C ILE A 915 1.54 -11.12 -6.78
N ARG A 916 0.48 -11.76 -7.31
CA ARG A 916 0.44 -12.13 -8.71
C ARG A 916 0.53 -10.90 -9.60
N GLU A 917 -0.24 -9.87 -9.28
CA GLU A 917 -0.25 -8.67 -10.11
C GLU A 917 1.03 -7.86 -9.93
N GLY A 918 1.64 -7.91 -8.74
CA GLY A 918 2.91 -7.27 -8.58
C GLY A 918 4.00 -7.94 -9.39
N ARG A 919 3.97 -9.27 -9.47
CA ARG A 919 4.94 -9.97 -10.31
C ARG A 919 4.68 -9.71 -11.78
N CYS A 920 3.41 -9.72 -12.20
CA CYS A 920 3.07 -9.39 -13.57
C CYS A 920 3.53 -7.98 -13.93
N SER A 921 3.36 -7.02 -13.04
CA SER A 921 3.74 -5.65 -13.34
C SER A 921 5.25 -5.48 -13.34
N LEU A 922 5.93 -6.09 -12.38
CA LEU A 922 7.39 -6.02 -12.32
C LEU A 922 8.04 -6.74 -13.48
N ASP A 923 7.34 -7.68 -14.12
CA ASP A 923 7.84 -8.32 -15.32
C ASP A 923 7.45 -7.58 -16.59
N THR A 924 6.26 -6.97 -16.62
CA THR A 924 5.88 -6.14 -17.75
C THR A 924 6.79 -4.94 -17.89
N SER A 925 7.24 -4.38 -16.76
CA SER A 925 8.16 -3.24 -16.84
C SER A 925 9.47 -3.65 -17.47
N PHE A 926 9.99 -4.83 -17.11
CA PHE A 926 11.22 -5.33 -17.73
C PHE A 926 11.00 -5.61 -19.20
N SER A 927 9.86 -6.20 -19.56
CA SER A 927 9.58 -6.49 -20.96
C SER A 927 9.51 -5.22 -21.78
N VAL A 928 8.89 -4.17 -21.23
CA VAL A 928 8.76 -2.92 -21.97
C VAL A 928 10.10 -2.21 -22.10
N PHE A 929 10.90 -2.21 -21.03
CA PHE A 929 12.24 -1.63 -21.15
C PHE A 929 13.08 -2.39 -22.17
N LYS A 930 13.00 -3.72 -22.16
CA LYS A 930 13.75 -4.51 -23.13
C LYS A 930 13.27 -4.24 -24.54
N TYR A 931 11.96 -4.06 -24.73
CA TYR A 931 11.46 -3.78 -26.07
C TYR A 931 11.88 -2.41 -26.53
N MET A 932 11.89 -1.42 -25.65
CA MET A 932 12.35 -0.10 -26.04
C MET A 932 13.84 -0.11 -26.39
N ALA A 933 14.63 -0.87 -25.65
CA ALA A 933 16.04 -0.99 -25.99
C ALA A 933 16.23 -1.65 -27.35
N LEU A 934 15.55 -2.76 -27.58
CA LEU A 934 15.65 -3.45 -28.84
C LEU A 934 15.08 -2.66 -29.98
N TYR A 935 13.99 -1.97 -29.77
CA TYR A 935 13.44 -1.18 -30.85
C TYR A 935 14.26 0.05 -31.16
N SER A 936 15.05 0.58 -30.23
CA SER A 936 15.87 1.72 -30.57
C SER A 936 17.08 1.22 -31.25
N LEU A 937 17.71 0.18 -30.75
CA LEU A 937 18.90 -0.33 -31.41
C LEU A 937 18.60 -0.81 -32.82
N THR A 938 17.41 -1.38 -33.06
CA THR A 938 17.09 -1.82 -34.41
C THR A 938 16.94 -0.65 -35.35
N GLN A 939 16.21 0.38 -34.92
CA GLN A 939 16.05 1.56 -35.76
C GLN A 939 17.39 2.25 -36.00
N PHE A 940 18.25 2.27 -34.98
CA PHE A 940 19.55 2.91 -35.08
C PHE A 940 20.47 2.13 -36.02
N ILE A 941 20.45 0.80 -35.95
CA ILE A 941 21.22 -0.02 -36.87
C ILE A 941 20.73 0.16 -38.30
N SER A 942 19.41 0.27 -38.47
CA SER A 942 18.86 0.53 -39.81
C SER A 942 19.33 1.85 -40.37
N VAL A 943 19.23 2.91 -39.58
CA VAL A 943 19.69 4.22 -40.04
C VAL A 943 21.19 4.20 -40.30
N LEU A 944 21.96 3.39 -39.57
CA LEU A 944 23.39 3.30 -39.84
C LEU A 944 23.67 2.57 -41.15
N ILE A 945 23.00 1.44 -41.38
CA ILE A 945 23.16 0.73 -42.64
C ILE A 945 22.74 1.61 -43.80
N LEU A 946 21.87 2.59 -43.54
CA LEU A 946 21.50 3.51 -44.61
C LEU A 946 22.51 4.64 -44.77
N TYR A 947 23.03 5.18 -43.67
CA TYR A 947 24.06 6.22 -43.76
C TYR A 947 25.31 5.70 -44.45
N THR A 948 25.62 4.42 -44.29
CA THR A 948 26.79 3.87 -44.95
C THR A 948 26.67 3.95 -46.46
N ILE A 949 25.49 3.62 -46.99
CA ILE A 949 25.23 3.67 -48.43
C ILE A 949 24.68 5.02 -48.86
N ASN A 950 24.74 6.02 -47.99
CA ASN A 950 24.35 7.40 -48.31
C ASN A 950 22.86 7.50 -48.62
N THR A 951 22.05 6.96 -47.73
CA THR A 951 20.60 7.13 -47.76
C THR A 951 20.13 7.36 -46.33
N ASN A 952 18.91 7.86 -46.20
CA ASN A 952 18.25 7.90 -44.90
C ASN A 952 16.95 7.13 -44.99
N LEU A 953 16.20 7.12 -43.88
CA LEU A 953 14.97 6.37 -43.82
C LEU A 953 13.75 7.19 -44.25
N GLY A 954 13.94 8.39 -44.78
CA GLY A 954 12.83 9.14 -45.32
C GLY A 954 12.08 9.93 -44.28
N ASP A 955 10.88 10.38 -44.67
CA ASP A 955 10.05 11.21 -43.81
C ASP A 955 8.84 10.48 -43.25
N LEU A 956 8.04 9.83 -44.10
CA LEU A 956 6.89 9.06 -43.62
C LEU A 956 7.29 7.70 -43.08
N GLN A 957 8.47 7.21 -43.42
CA GLN A 957 8.88 5.90 -42.92
C GLN A 957 9.25 5.97 -41.44
N PHE A 958 9.88 7.07 -41.02
CA PHE A 958 10.07 7.29 -39.59
C PHE A 958 8.72 7.41 -38.88
N LEU A 959 7.76 8.06 -39.51
CA LEU A 959 6.45 8.21 -38.87
C LEU A 959 5.79 6.86 -38.69
N ALA A 960 5.74 6.06 -39.75
CA ALA A 960 5.26 4.70 -39.62
C ALA A 960 5.95 3.98 -38.47
N ILE A 961 7.28 3.90 -38.53
CA ILE A 961 8.04 3.07 -37.59
C ILE A 961 7.84 3.55 -36.15
N ASN A 962 7.81 4.86 -35.92
CA ASN A 962 7.80 5.34 -34.54
C ASN A 962 6.43 5.70 -34.01
N LEU A 963 5.39 5.66 -34.83
CA LEU A 963 4.06 5.95 -34.34
C LEU A 963 3.10 4.80 -34.57
N VAL A 964 3.00 4.29 -35.80
CA VAL A 964 1.94 3.32 -36.09
C VAL A 964 2.30 1.96 -35.52
N ILE A 965 3.56 1.55 -35.66
CA ILE A 965 3.99 0.22 -35.23
C ILE A 965 4.40 0.26 -33.76
N THR A 966 5.44 1.03 -33.47
CA THR A 966 6.14 0.88 -32.19
C THR A 966 5.35 1.46 -31.02
N THR A 967 4.78 2.65 -31.17
CA THR A 967 4.02 3.22 -30.07
C THR A 967 2.75 2.41 -29.79
N THR A 968 2.04 2.01 -30.85
CA THR A 968 0.89 1.13 -30.68
C THR A 968 1.27 -0.12 -29.90
N VAL A 969 2.34 -0.78 -30.33
CA VAL A 969 2.72 -2.04 -29.70
C VAL A 969 3.17 -1.81 -28.26
N ALA A 970 3.92 -0.74 -28.01
CA ALA A 970 4.43 -0.50 -26.67
C ALA A 970 3.31 -0.16 -25.70
N VAL A 971 2.23 0.47 -26.18
CA VAL A 971 1.13 0.79 -25.27
C VAL A 971 0.09 -0.31 -25.20
N LEU A 972 0.11 -1.29 -26.10
CA LEU A 972 -0.78 -2.44 -25.95
C LEU A 972 -0.09 -3.67 -25.39
N MET A 973 1.24 -3.64 -25.25
CA MET A 973 1.97 -4.78 -24.72
C MET A 973 1.80 -4.95 -23.22
N SER A 974 1.41 -3.88 -22.53
CA SER A 974 1.28 -3.88 -21.08
C SER A 974 -0.10 -4.29 -20.61
N ARG A 975 -0.98 -4.69 -21.52
CA ARG A 975 -2.37 -4.94 -21.18
C ARG A 975 -2.62 -6.36 -20.70
N THR A 976 -1.70 -7.29 -20.97
CA THR A 976 -1.93 -8.69 -20.65
C THR A 976 -1.74 -8.93 -19.16
N GLY A 977 -2.68 -9.65 -18.56
CA GLY A 977 -2.81 -9.70 -17.12
C GLY A 977 -1.80 -10.59 -16.44
N PRO A 978 -2.03 -10.85 -15.16
CA PRO A 978 -1.16 -11.76 -14.41
C PRO A 978 -1.60 -13.21 -14.55
N ALA A 979 -0.68 -14.10 -14.26
CA ALA A 979 -0.97 -15.52 -14.34
C ALA A 979 -2.04 -15.91 -13.32
N LEU A 980 -2.50 -17.15 -13.41
CA LEU A 980 -3.54 -17.65 -12.53
C LEU A 980 -3.01 -18.49 -11.38
N VAL A 981 -1.69 -18.64 -11.26
CA VAL A 981 -1.08 -19.38 -10.18
C VAL A 981 0.15 -18.62 -9.69
N LEU A 982 0.56 -18.92 -8.46
CA LEU A 982 1.77 -18.37 -7.88
C LEU A 982 2.88 -19.40 -8.00
N GLY A 983 4.01 -18.99 -8.58
CA GLY A 983 5.13 -19.87 -8.80
C GLY A 983 6.26 -19.62 -7.83
N ARG A 984 7.10 -20.64 -7.65
CA ARG A 984 8.21 -20.57 -6.71
C ARG A 984 9.35 -19.68 -7.22
N VAL A 985 9.28 -19.20 -8.46
CA VAL A 985 10.37 -18.44 -9.05
C VAL A 985 10.04 -16.95 -8.98
N ARG A 986 10.81 -16.23 -8.19
CA ARG A 986 10.65 -14.79 -7.97
C ARG A 986 11.17 -14.03 -9.19
N PRO A 987 10.52 -12.94 -9.58
CA PRO A 987 10.95 -12.19 -10.76
C PRO A 987 12.30 -11.53 -10.53
N PRO A 988 13.04 -11.23 -11.58
CA PRO A 988 14.34 -10.59 -11.41
C PRO A 988 14.18 -9.18 -10.85
N GLY A 989 15.32 -8.60 -10.48
CA GLY A 989 15.32 -7.25 -9.96
C GLY A 989 16.42 -6.40 -10.55
N ALA A 990 17.09 -6.92 -11.58
CA ALA A 990 18.22 -6.25 -12.19
C ALA A 990 18.01 -6.13 -13.69
N LEU A 991 18.33 -4.95 -14.23
CA LEU A 991 18.30 -4.73 -15.66
C LEU A 991 19.64 -4.99 -16.33
N LEU A 992 20.73 -4.96 -15.59
CA LEU A 992 22.05 -5.29 -16.12
C LEU A 992 22.32 -6.79 -16.04
N SER A 993 21.36 -7.58 -15.58
CA SER A 993 21.58 -9.02 -15.42
C SER A 993 21.98 -9.64 -16.75
N VAL A 994 22.86 -10.65 -16.68
CA VAL A 994 23.38 -11.24 -17.90
C VAL A 994 22.31 -11.95 -18.72
N PRO A 995 21.19 -12.44 -18.16
CA PRO A 995 20.10 -12.86 -19.06
C PRO A 995 19.60 -11.73 -19.94
N VAL A 996 19.33 -10.55 -19.35
CA VAL A 996 18.79 -9.44 -20.13
C VAL A 996 19.79 -8.97 -21.17
N LEU A 997 21.06 -8.79 -20.77
CA LEU A 997 22.04 -8.28 -21.73
C LEU A 997 22.38 -9.31 -22.80
N SER A 998 22.44 -10.59 -22.43
CA SER A 998 22.65 -11.62 -23.44
C SER A 998 21.48 -11.65 -24.42
N SER A 999 20.26 -11.48 -23.92
CA SER A 999 19.09 -11.43 -24.80
C SER A 999 19.16 -10.26 -25.76
N LEU A 1000 19.43 -9.06 -25.23
CA LEU A 1000 19.55 -7.88 -26.10
C LEU A 1000 20.62 -8.09 -27.15
N LEU A 1001 21.81 -8.54 -26.75
CA LEU A 1001 22.91 -8.64 -27.70
C LEU A 1001 22.65 -9.70 -28.75
N LEU A 1002 22.06 -10.84 -28.37
CA LEU A 1002 21.79 -11.87 -29.37
C LEU A 1002 20.66 -11.47 -30.30
N GLN A 1003 19.62 -10.82 -29.76
CA GLN A 1003 18.53 -10.34 -30.63
C GLN A 1003 19.05 -9.28 -31.59
N MET A 1004 19.97 -8.43 -31.13
CA MET A 1004 20.50 -7.39 -32.00
C MET A 1004 21.43 -7.95 -33.05
N VAL A 1005 22.23 -8.96 -32.69
CA VAL A 1005 23.06 -9.61 -33.69
C VAL A 1005 22.19 -10.28 -34.75
N LEU A 1006 21.09 -10.90 -34.31
CA LEU A 1006 20.19 -11.53 -35.28
C LEU A 1006 19.53 -10.51 -36.19
N VAL A 1007 19.08 -9.38 -35.61
CA VAL A 1007 18.41 -8.36 -36.42
C VAL A 1007 19.38 -7.74 -37.41
N THR A 1008 20.59 -7.41 -36.96
CA THR A 1008 21.59 -6.86 -37.87
C THR A 1008 21.96 -7.86 -38.94
N GLY A 1009 22.03 -9.15 -38.58
CA GLY A 1009 22.26 -10.17 -39.59
C GLY A 1009 21.18 -10.19 -40.64
N VAL A 1010 19.91 -10.10 -40.22
CA VAL A 1010 18.82 -10.17 -41.18
C VAL A 1010 18.80 -8.94 -42.08
N GLN A 1011 19.06 -7.76 -41.53
CA GLN A 1011 19.05 -6.55 -42.36
C GLN A 1011 20.23 -6.52 -43.32
N LEU A 1012 21.43 -6.89 -42.84
CA LEU A 1012 22.57 -6.94 -43.74
C LEU A 1012 22.40 -8.04 -44.78
N GLY A 1013 21.72 -9.14 -44.43
CA GLY A 1013 21.42 -10.15 -45.42
C GLY A 1013 20.49 -9.63 -46.49
N GLY A 1014 19.43 -8.92 -46.08
CA GLY A 1014 18.55 -8.31 -47.06
C GLY A 1014 19.27 -7.36 -47.98
N TYR A 1015 20.14 -6.51 -47.42
CA TYR A 1015 20.88 -5.56 -48.26
C TYR A 1015 21.82 -6.28 -49.21
N PHE A 1016 22.69 -7.14 -48.69
CA PHE A 1016 23.64 -7.86 -49.54
C PHE A 1016 22.95 -8.82 -50.49
N LEU A 1017 21.67 -9.11 -50.28
CA LEU A 1017 20.92 -9.95 -51.21
C LEU A 1017 20.22 -9.13 -52.28
N THR A 1018 19.84 -7.89 -51.99
CA THR A 1018 19.26 -7.05 -53.04
C THR A 1018 20.32 -6.59 -54.04
N LEU A 1019 21.61 -6.67 -53.68
CA LEU A 1019 22.67 -6.35 -54.63
C LEU A 1019 22.72 -7.39 -55.74
N ALA A 1020 22.75 -8.68 -55.37
CA ALA A 1020 22.94 -9.76 -56.33
C ALA A 1020 21.78 -9.91 -57.31
N GLN A 1021 20.65 -9.27 -57.06
CA GLN A 1021 19.51 -9.40 -57.96
C GLN A 1021 19.84 -8.78 -59.32
N PRO A 1022 19.30 -9.33 -60.41
CA PRO A 1022 19.61 -8.78 -61.74
C PRO A 1022 19.05 -7.38 -61.96
N TRP A 1023 17.82 -7.12 -61.54
CA TRP A 1023 17.16 -5.85 -61.81
C TRP A 1023 17.71 -4.71 -60.95
N PHE A 1024 18.82 -4.92 -60.25
CA PHE A 1024 19.30 -3.94 -59.29
C PHE A 1024 20.08 -2.82 -59.97
N VAL A 1025 19.85 -1.59 -59.51
CA VAL A 1025 20.60 -0.43 -59.96
C VAL A 1025 20.89 0.44 -58.73
N PRO A 1026 22.13 0.79 -58.47
CA PRO A 1026 22.43 1.55 -57.25
C PRO A 1026 21.89 2.97 -57.31
N LEU A 1027 21.70 3.55 -56.13
CA LEU A 1027 21.20 4.91 -56.01
C LEU A 1027 22.26 5.92 -56.45
N ASN A 1028 21.90 7.19 -56.37
CA ASN A 1028 22.80 8.29 -56.72
C ASN A 1028 23.47 8.79 -55.44
N ARG A 1029 24.72 8.39 -55.23
CA ARG A 1029 25.47 8.85 -54.07
C ARG A 1029 25.76 10.35 -54.13
N THR A 1030 25.58 10.98 -55.29
CA THR A 1030 25.85 12.40 -55.43
C THR A 1030 24.90 13.26 -54.61
N VAL A 1031 23.76 12.72 -54.19
CA VAL A 1031 22.80 13.46 -53.37
C VAL A 1031 22.39 12.58 -52.19
N ALA A 1032 22.07 13.22 -51.08
CA ALA A 1032 21.58 12.53 -49.89
C ALA A 1032 20.06 12.56 -49.84
N ALA A 1033 19.50 11.75 -48.95
CA ALA A 1033 18.06 11.69 -48.80
C ALA A 1033 17.52 13.04 -48.31
N PRO A 1034 16.27 13.39 -48.66
CA PRO A 1034 15.31 12.62 -49.44
C PRO A 1034 15.42 12.81 -50.96
N ASP A 1035 16.58 13.24 -51.45
CA ASP A 1035 16.73 13.48 -52.88
C ASP A 1035 16.83 12.17 -53.65
N ASN A 1036 17.86 11.36 -53.35
CA ASN A 1036 18.02 10.09 -54.04
C ASN A 1036 16.90 9.11 -53.69
N LEU A 1037 16.32 9.28 -52.52
CA LEU A 1037 15.21 8.43 -52.10
C LEU A 1037 13.96 8.77 -52.91
N PRO A 1038 13.20 7.77 -53.40
CA PRO A 1038 13.28 6.32 -53.18
C PRO A 1038 14.38 5.59 -53.95
N ASN A 1039 14.80 4.45 -53.41
CA ASN A 1039 15.78 3.57 -54.04
C ASN A 1039 15.57 2.16 -53.51
N TYR A 1040 16.26 1.21 -54.11
CA TYR A 1040 16.03 -0.19 -53.76
C TYR A 1040 16.56 -0.51 -52.37
N GLU A 1041 17.68 0.09 -51.98
CA GLU A 1041 18.30 -0.24 -50.71
C GLU A 1041 17.43 0.20 -49.54
N ASN A 1042 16.95 1.45 -49.57
CA ASN A 1042 16.05 1.93 -48.53
C ASN A 1042 14.76 1.14 -48.50
N THR A 1043 14.23 0.79 -49.67
CA THR A 1043 13.04 -0.04 -49.72
C THR A 1043 13.25 -1.36 -48.98
N VAL A 1044 14.34 -2.06 -49.30
CA VAL A 1044 14.58 -3.36 -48.68
C VAL A 1044 14.81 -3.22 -47.18
N VAL A 1045 15.63 -2.24 -46.77
CA VAL A 1045 15.97 -2.10 -45.37
C VAL A 1045 14.74 -1.69 -44.55
N PHE A 1046 13.90 -0.80 -45.08
CA PHE A 1046 12.68 -0.44 -44.35
C PHE A 1046 11.70 -1.60 -44.31
N SER A 1047 11.56 -2.34 -45.41
CA SER A 1047 10.64 -3.47 -45.43
C SER A 1047 11.03 -4.49 -44.38
N LEU A 1048 12.33 -4.79 -44.26
CA LEU A 1048 12.76 -5.73 -43.23
C LEU A 1048 12.60 -5.14 -41.83
N SER A 1049 12.96 -3.86 -41.65
CA SER A 1049 12.96 -3.27 -40.31
C SER A 1049 11.56 -3.21 -39.72
N SER A 1050 10.58 -2.84 -40.54
CA SER A 1050 9.21 -2.73 -40.05
C SER A 1050 8.69 -4.07 -39.57
N PHE A 1051 9.22 -5.17 -40.08
CA PHE A 1051 8.89 -6.48 -39.54
C PHE A 1051 9.71 -6.80 -38.30
N GLN A 1052 10.97 -6.32 -38.28
CA GLN A 1052 11.81 -6.53 -37.12
C GLN A 1052 11.12 -6.04 -35.86
N TYR A 1053 10.41 -4.92 -35.97
CA TYR A 1053 9.80 -4.35 -34.78
C TYR A 1053 8.72 -5.26 -34.21
N LEU A 1054 7.81 -5.73 -35.07
CA LEU A 1054 6.76 -6.63 -34.60
C LEU A 1054 7.34 -7.94 -34.08
N ILE A 1055 8.40 -8.42 -34.70
CA ILE A 1055 8.98 -9.70 -34.27
C ILE A 1055 9.60 -9.57 -32.89
N LEU A 1056 10.36 -8.49 -32.64
CA LEU A 1056 10.89 -8.29 -31.30
C LEU A 1056 9.78 -8.02 -30.29
N ALA A 1057 8.69 -7.39 -30.74
CA ALA A 1057 7.59 -7.08 -29.84
C ALA A 1057 6.88 -8.34 -29.38
N ALA A 1058 6.76 -9.32 -30.27
CA ALA A 1058 6.18 -10.61 -29.89
C ALA A 1058 7.19 -11.52 -29.22
N ALA A 1059 8.49 -11.26 -29.40
CA ALA A 1059 9.52 -12.08 -28.77
C ALA A 1059 9.82 -11.69 -27.34
N VAL A 1060 9.61 -10.41 -26.99
CA VAL A 1060 9.86 -9.99 -25.61
C VAL A 1060 8.66 -10.19 -24.70
N SER A 1061 7.47 -10.40 -25.25
CA SER A 1061 6.28 -10.65 -24.45
C SER A 1061 6.23 -12.13 -24.12
N LYS A 1062 6.84 -12.49 -22.98
CA LYS A 1062 6.88 -13.87 -22.52
C LYS A 1062 5.84 -14.04 -21.41
N GLY A 1063 4.85 -14.90 -21.65
CA GLY A 1063 3.81 -15.11 -20.67
C GLY A 1063 4.29 -15.83 -19.42
N ALA A 1064 4.61 -17.11 -19.56
CA ALA A 1064 5.01 -17.89 -18.40
C ALA A 1064 6.32 -17.33 -17.81
N PRO A 1065 6.50 -17.44 -16.50
CA PRO A 1065 5.53 -17.93 -15.53
C PRO A 1065 4.76 -16.82 -14.83
N PHE A 1066 4.98 -15.57 -15.26
CA PHE A 1066 4.41 -14.41 -14.57
C PHE A 1066 3.16 -13.87 -15.23
N ARG A 1067 3.19 -13.66 -16.54
CA ARG A 1067 2.06 -13.06 -17.25
C ARG A 1067 1.22 -14.13 -17.92
N ARG A 1068 -0.02 -13.77 -18.20
CA ARG A 1068 -0.85 -14.58 -19.07
C ARG A 1068 -0.33 -14.43 -20.49
N PRO A 1069 -0.42 -15.48 -21.31
CA PRO A 1069 0.26 -15.47 -22.62
C PRO A 1069 -0.21 -14.32 -23.52
N LEU A 1070 0.53 -14.16 -24.63
CA LEU A 1070 0.39 -12.98 -25.47
C LEU A 1070 -0.98 -12.89 -26.12
N TYR A 1071 -1.51 -14.00 -26.62
CA TYR A 1071 -2.76 -13.94 -27.36
C TYR A 1071 -3.96 -13.66 -26.48
N THR A 1072 -3.80 -13.63 -25.15
CA THR A 1072 -4.91 -13.47 -24.24
C THR A 1072 -5.27 -12.01 -23.99
N ASN A 1073 -4.62 -11.06 -24.66
CA ASN A 1073 -5.12 -9.69 -24.73
C ASN A 1073 -5.32 -9.39 -26.22
N VAL A 1074 -6.58 -9.39 -26.64
CA VAL A 1074 -6.95 -9.34 -28.04
C VAL A 1074 -6.52 -8.02 -28.69
N PRO A 1075 -6.47 -6.89 -27.97
CA PRO A 1075 -5.90 -5.69 -28.60
C PRO A 1075 -4.49 -5.91 -29.13
N PHE A 1076 -3.61 -6.55 -28.35
CA PHE A 1076 -2.23 -6.73 -28.79
C PHE A 1076 -2.14 -7.71 -29.95
N LEU A 1077 -2.86 -8.83 -29.86
CA LEU A 1077 -2.80 -9.80 -30.94
C LEU A 1077 -3.38 -9.24 -32.23
N VAL A 1078 -4.45 -8.45 -32.12
CA VAL A 1078 -5.04 -7.84 -33.31
C VAL A 1078 -4.13 -6.75 -33.85
N ALA A 1079 -3.44 -6.01 -32.98
CA ALA A 1079 -2.47 -5.04 -33.46
C ALA A 1079 -1.36 -5.71 -34.24
N LEU A 1080 -0.78 -6.78 -33.68
CA LEU A 1080 0.27 -7.51 -34.38
C LEU A 1080 -0.23 -8.06 -35.71
N ALA A 1081 -1.44 -8.64 -35.71
CA ALA A 1081 -1.96 -9.23 -36.94
C ALA A 1081 -2.23 -8.17 -38.01
N LEU A 1082 -2.87 -7.07 -37.63
CA LEU A 1082 -3.17 -6.03 -38.61
C LEU A 1082 -1.91 -5.37 -39.14
N LEU A 1083 -0.93 -5.11 -38.27
CA LEU A 1083 0.28 -4.46 -38.73
C LEU A 1083 1.13 -5.41 -39.58
N SER A 1084 1.18 -6.69 -39.23
CA SER A 1084 1.88 -7.66 -40.07
C SER A 1084 1.20 -7.78 -41.43
N SER A 1085 -0.14 -7.79 -41.46
CA SER A 1085 -0.84 -7.88 -42.72
C SER A 1085 -0.62 -6.63 -43.57
N VAL A 1086 -0.63 -5.45 -42.95
CA VAL A 1086 -0.42 -4.22 -43.70
C VAL A 1086 0.99 -4.16 -44.25
N LEU A 1087 1.98 -4.60 -43.47
CA LEU A 1087 3.35 -4.59 -43.97
C LEU A 1087 3.55 -5.64 -45.07
N VAL A 1088 2.89 -6.79 -44.96
CA VAL A 1088 2.94 -7.76 -46.04
C VAL A 1088 2.29 -7.19 -47.29
N GLY A 1089 1.24 -6.39 -47.12
CA GLY A 1089 0.69 -5.67 -48.25
C GLY A 1089 1.68 -4.71 -48.87
N LEU A 1090 2.38 -3.95 -48.02
CA LEU A 1090 3.43 -3.05 -48.52
C LEU A 1090 4.48 -3.81 -49.32
N VAL A 1091 4.83 -5.01 -48.87
CA VAL A 1091 5.89 -5.76 -49.54
C VAL A 1091 5.39 -6.38 -50.83
N LEU A 1092 4.14 -6.83 -50.86
CA LEU A 1092 3.65 -7.65 -51.96
C LEU A 1092 2.76 -6.91 -52.95
N VAL A 1093 1.93 -5.98 -52.49
CA VAL A 1093 0.97 -5.30 -53.36
C VAL A 1093 1.66 -4.11 -54.02
N PRO A 1094 1.65 -4.00 -55.34
CA PRO A 1094 2.34 -2.89 -56.00
C PRO A 1094 1.51 -1.61 -55.93
N GLY A 1095 2.21 -0.50 -55.66
CA GLY A 1095 1.57 0.79 -55.54
C GLY A 1095 0.81 1.03 -54.26
N LEU A 1096 0.80 0.05 -53.34
CA LEU A 1096 0.10 0.21 -52.06
C LEU A 1096 0.96 1.04 -51.13
N LEU A 1097 0.54 2.29 -50.90
CA LEU A 1097 1.23 3.21 -49.99
C LEU A 1097 2.69 3.41 -50.37
N GLN A 1098 3.08 3.05 -51.58
CA GLN A 1098 4.45 3.23 -52.05
C GLN A 1098 4.71 4.62 -52.59
N GLY A 1099 3.70 5.49 -52.60
CA GLY A 1099 3.87 6.87 -52.96
C GLY A 1099 4.12 7.77 -51.77
N PRO A 1100 3.22 7.73 -50.79
CA PRO A 1100 3.45 8.53 -49.57
C PRO A 1100 4.68 8.11 -48.79
N LEU A 1101 4.90 6.80 -48.63
CA LEU A 1101 6.07 6.31 -47.91
C LEU A 1101 7.35 6.41 -48.72
N ALA A 1102 7.24 6.58 -50.04
CA ALA A 1102 8.40 6.68 -50.93
C ALA A 1102 9.22 5.39 -50.93
N LEU A 1103 8.53 4.28 -51.19
CA LEU A 1103 9.15 2.98 -51.38
C LEU A 1103 9.24 2.68 -52.87
N ARG A 1104 10.44 2.36 -53.35
CA ARG A 1104 10.61 2.02 -54.75
C ARG A 1104 9.84 0.75 -55.07
N ASN A 1105 9.15 0.77 -56.20
CA ASN A 1105 8.25 -0.33 -56.58
C ASN A 1105 9.09 -1.47 -57.16
N ILE A 1106 9.26 -2.53 -56.37
CA ILE A 1106 9.98 -3.72 -56.83
C ILE A 1106 9.04 -4.52 -57.72
N THR A 1107 9.51 -4.81 -58.94
CA THR A 1107 8.66 -5.50 -59.91
C THR A 1107 8.65 -7.01 -59.70
N ASP A 1108 9.81 -7.58 -59.40
CA ASP A 1108 9.92 -9.03 -59.24
C ASP A 1108 9.12 -9.50 -58.04
N THR A 1109 8.60 -10.73 -58.13
CA THR A 1109 7.84 -11.33 -57.04
C THR A 1109 8.58 -12.46 -56.34
N GLY A 1110 9.50 -13.15 -57.03
CA GLY A 1110 10.32 -14.14 -56.36
C GLY A 1110 11.21 -13.51 -55.30
N PHE A 1111 11.78 -12.35 -55.59
CA PHE A 1111 12.56 -11.65 -54.57
C PHE A 1111 11.68 -11.14 -53.44
N LYS A 1112 10.42 -10.79 -53.74
CA LYS A 1112 9.49 -10.42 -52.67
C LYS A 1112 9.25 -11.60 -51.74
N LEU A 1113 8.98 -12.78 -52.30
CA LEU A 1113 8.85 -13.97 -51.47
C LEU A 1113 10.14 -14.29 -50.72
N LEU A 1114 11.30 -13.96 -51.31
CA LEU A 1114 12.56 -14.17 -50.60
C LEU A 1114 12.69 -13.22 -49.42
N LEU A 1115 12.25 -11.97 -49.58
CA LEU A 1115 12.22 -11.05 -48.44
C LEU A 1115 11.30 -11.56 -47.35
N LEU A 1116 10.11 -12.03 -47.72
CA LEU A 1116 9.19 -12.58 -46.72
C LEU A 1116 9.78 -13.82 -46.05
N GLY A 1117 10.53 -14.62 -46.80
CA GLY A 1117 11.20 -15.77 -46.21
C GLY A 1117 12.26 -15.36 -45.21
N LEU A 1118 13.00 -14.29 -45.52
CA LEU A 1118 13.99 -13.78 -44.57
C LEU A 1118 13.31 -13.24 -43.31
N VAL A 1119 12.17 -12.57 -43.49
CA VAL A 1119 11.41 -12.08 -42.34
C VAL A 1119 10.96 -13.24 -41.46
N THR A 1120 10.40 -14.29 -42.07
CA THR A 1120 9.96 -15.44 -41.30
C THR A 1120 11.12 -16.18 -40.65
N LEU A 1121 12.27 -16.22 -41.33
CA LEU A 1121 13.48 -16.77 -40.73
C LEU A 1121 13.84 -16.00 -39.46
N ASN A 1122 13.75 -14.67 -39.51
CA ASN A 1122 14.05 -13.89 -38.32
C ASN A 1122 13.00 -14.12 -37.23
N PHE A 1123 11.74 -14.25 -37.62
CA PHE A 1123 10.67 -14.55 -36.66
C PHE A 1123 10.99 -15.83 -35.88
N VAL A 1124 11.22 -16.92 -36.61
CA VAL A 1124 11.58 -18.19 -35.99
C VAL A 1124 12.86 -18.06 -35.19
N GLY A 1125 13.84 -17.33 -35.72
CA GLY A 1125 15.11 -17.20 -35.02
C GLY A 1125 14.99 -16.47 -33.70
N ALA A 1126 14.21 -15.39 -33.67
CA ALA A 1126 14.02 -14.64 -32.44
C ALA A 1126 13.29 -15.47 -31.40
N PHE A 1127 12.20 -16.14 -31.79
CA PHE A 1127 11.47 -16.95 -30.83
C PHE A 1127 12.33 -18.10 -30.32
N MET A 1128 13.01 -18.81 -31.22
CA MET A 1128 13.85 -19.94 -30.81
C MET A 1128 15.00 -19.47 -29.93
N LEU A 1129 15.61 -18.33 -30.26
CA LEU A 1129 16.72 -17.82 -29.47
C LEU A 1129 16.26 -17.44 -28.07
N GLU A 1130 15.11 -16.79 -27.96
CA GLU A 1130 14.62 -16.42 -26.64
C GLU A 1130 14.29 -17.67 -25.82
N SER A 1131 13.69 -18.67 -26.45
CA SER A 1131 13.36 -19.91 -25.74
C SER A 1131 14.66 -20.57 -25.26
N VAL A 1132 15.66 -20.69 -26.14
CA VAL A 1132 16.91 -21.35 -25.80
C VAL A 1132 17.61 -20.62 -24.66
N LEU A 1133 17.67 -19.29 -24.73
CA LEU A 1133 18.26 -18.53 -23.63
C LEU A 1133 17.51 -18.80 -22.33
N ASP A 1134 16.20 -18.46 -22.30
CA ASP A 1134 15.44 -18.56 -21.07
C ASP A 1134 15.50 -19.96 -20.46
N GLN A 1135 15.60 -21.01 -21.28
CA GLN A 1135 15.67 -22.35 -20.73
C GLN A 1135 17.08 -22.73 -20.30
N CYS A 1136 18.02 -22.75 -21.25
CA CYS A 1136 19.33 -23.32 -20.98
C CYS A 1136 20.24 -22.37 -20.21
N LEU A 1137 20.24 -21.08 -20.53
CA LEU A 1137 21.21 -20.16 -19.94
C LEU A 1137 21.21 -20.14 -18.41
N PRO A 1138 20.08 -20.25 -17.70
CA PRO A 1138 20.16 -20.30 -16.23
C PRO A 1138 20.98 -21.48 -15.70
N ALA A 1139 20.90 -22.63 -16.35
CA ALA A 1139 21.66 -23.79 -15.90
C ALA A 1139 23.16 -23.56 -16.03
N CYS A 1140 23.60 -23.08 -17.21
CA CYS A 1140 25.01 -22.73 -17.39
C CYS A 1140 25.42 -21.61 -16.46
N LEU A 1141 24.50 -20.70 -16.15
CA LEU A 1141 24.81 -19.61 -15.23
C LEU A 1141 25.08 -20.13 -13.83
N ARG A 1142 24.28 -21.09 -13.37
CA ARG A 1142 24.51 -21.69 -12.07
C ARG A 1142 25.80 -22.51 -12.06
N ARG A 1143 26.02 -23.30 -13.11
CA ARG A 1143 27.18 -24.20 -13.13
C ARG A 1143 28.49 -23.42 -13.25
N LEU A 1144 28.50 -22.34 -14.04
CA LEU A 1144 29.74 -21.64 -14.32
C LEU A 1144 30.30 -20.96 -13.08
N ARG A 1145 29.45 -20.31 -12.30
CA ARG A 1145 29.88 -19.59 -11.10
C ARG A 1145 28.72 -19.55 -10.11
N PRO A 1146 28.54 -20.61 -9.32
CA PRO A 1146 27.46 -20.62 -8.32
C PRO A 1146 27.65 -19.52 -7.29
N LYS A 1147 26.54 -19.02 -6.77
CA LYS A 1147 26.56 -17.95 -5.78
C LYS A 1147 27.20 -18.46 -4.49
N ARG A 1148 28.29 -17.81 -4.08
CA ARG A 1148 28.95 -18.21 -2.84
C ARG A 1148 28.09 -17.90 -1.62
N ALA A 1149 27.50 -16.71 -1.59
CA ALA A 1149 26.63 -16.32 -0.48
C ALA A 1149 25.59 -15.33 -0.99
N SER A 1150 24.56 -15.12 -0.19
CA SER A 1150 23.48 -14.20 -0.51
C SER A 1150 23.58 -12.95 0.34
N LYS A 1151 23.34 -11.80 -0.27
CA LYS A 1151 23.46 -10.53 0.44
C LYS A 1151 22.36 -10.34 1.47
N LYS A 1152 21.24 -11.05 1.34
CA LYS A 1152 20.12 -10.87 2.26
C LYS A 1152 20.51 -11.33 3.65
N ARG A 1153 20.32 -10.45 4.63
CA ARG A 1153 20.66 -10.80 6.01
C ARG A 1153 19.86 -12.00 6.48
N PHE A 1154 18.56 -12.04 6.16
CA PHE A 1154 17.76 -13.18 6.58
C PHE A 1154 18.21 -14.45 5.89
N LYS A 1155 18.77 -14.35 4.68
CA LYS A 1155 19.31 -15.53 4.02
C LYS A 1155 20.55 -16.05 4.72
N GLN A 1156 21.43 -15.14 5.14
CA GLN A 1156 22.60 -15.55 5.91
C GLN A 1156 22.18 -16.20 7.22
N LEU A 1157 21.17 -15.65 7.88
CA LEU A 1157 20.69 -16.25 9.12
C LEU A 1157 20.05 -17.61 8.87
N GLU A 1158 19.34 -17.75 7.75
CA GLU A 1158 18.73 -19.04 7.43
C GLU A 1158 19.79 -20.10 7.18
N ARG A 1159 20.86 -19.75 6.46
CA ARG A 1159 21.95 -20.71 6.27
C ARG A 1159 22.62 -21.04 7.60
N GLU A 1160 22.86 -20.02 8.43
CA GLU A 1160 23.46 -20.23 9.74
C GLU A 1160 22.61 -21.14 10.61
N LEU A 1161 21.29 -21.09 10.44
CA LEU A 1161 20.40 -21.95 11.22
C LEU A 1161 20.33 -23.36 10.64
N ALA A 1162 20.28 -23.49 9.31
CA ALA A 1162 20.28 -24.81 8.70
C ALA A 1162 21.57 -25.56 9.03
N GLU A 1163 22.69 -24.84 9.11
CA GLU A 1163 23.95 -25.48 9.49
C GLU A 1163 23.90 -25.95 10.93
N GLN A 1164 23.39 -25.13 11.84
CA GLN A 1164 23.19 -25.51 13.22
C GLN A 1164 21.92 -24.86 13.75
N PRO A 1165 20.89 -25.64 14.08
CA PRO A 1165 19.64 -25.04 14.56
C PRO A 1165 19.85 -24.37 15.92
N TRP A 1166 19.30 -23.17 16.06
CA TRP A 1166 19.54 -22.42 17.30
C TRP A 1166 18.88 -23.08 18.51
N PRO A 1167 17.55 -23.19 18.58
CA PRO A 1167 16.94 -23.71 19.80
C PRO A 1167 17.16 -25.20 19.93
N PRO A 1168 18.02 -25.63 20.87
CA PRO A 1168 18.43 -27.03 20.97
C PRO A 1168 17.44 -27.88 21.76
AL ALF B . -6.33 -8.69 15.62
F1 ALF B . -4.88 -9.20 16.51
F2 ALF B . -7.77 -8.18 14.71
F3 ALF B . -5.66 -7.04 15.51
F4 ALF B . -7.00 -10.32 15.78
MG MG C . -8.54 -7.79 13.06
CAA Y01 D . -2.40 7.10 -34.14
CBA Y01 D . -2.57 5.74 -33.47
CAB Y01 D . -2.29 4.66 -34.50
CAN Y01 D . -1.71 5.57 -32.18
CAJ Y01 D . -2.27 4.61 -31.11
CAO Y01 D . -2.27 5.11 -29.66
CBB Y01 D . -3.22 4.32 -28.73
CAC Y01 D . -3.22 2.81 -29.06
CBE Y01 D . -2.82 4.56 -27.27
CAP Y01 D . -2.33 5.99 -26.89
CAQ Y01 D . -2.50 6.12 -25.38
CBG Y01 D . -3.16 4.79 -25.05
CBI Y01 D . -3.98 4.38 -26.28
CAE Y01 D . -5.26 5.25 -26.60
CAU Y01 D . -4.49 2.96 -26.10
CAS Y01 D . -5.36 2.92 -24.86
CBF Y01 D . -4.66 3.50 -23.63
CBD Y01 D . -4.10 4.90 -23.89
CAK Y01 D . -3.22 5.35 -22.72
CAI Y01 D . -3.76 4.84 -21.43
CAZ Y01 D . -4.89 4.13 -21.23
CAV Y01 D . -5.08 3.18 -20.02
CBH Y01 D . -5.61 3.67 -22.44
CAD Y01 D . -6.56 4.87 -22.69
CAT Y01 D . -6.39 2.38 -22.17
CAR Y01 D . -7.30 2.37 -20.93
CBC Y01 D . -6.51 2.60 -19.63
OAW Y01 D . -7.31 3.44 -18.75
CAY Y01 D . -7.91 2.93 -17.57
OAG Y01 D . -7.22 2.15 -16.95
CAM Y01 D . -9.36 3.29 -17.04
CAL Y01 D . -9.38 4.19 -15.79
CAX Y01 D . -10.68 4.10 -14.86
OAH Y01 D . -11.78 3.98 -15.44
OAF Y01 D . -10.52 4.14 -13.63
HAA1 Y01 D . -2.85 7.83 -33.68
HAA2 Y01 D . -2.74 7.14 -35.04
HAA3 Y01 D . -1.47 7.39 -34.22
HBA Y01 D . -3.51 5.67 -33.23
HAB1 Y01 D . -2.54 3.77 -34.21
HAB2 Y01 D . -1.36 4.61 -34.77
HAB3 Y01 D . -2.77 4.77 -35.33
HAN1 Y01 D . -1.57 6.44 -31.77
HAN2 Y01 D . -0.82 5.29 -32.42
HAJ1 Y01 D . -3.18 4.36 -31.34
HAJ2 Y01 D . -1.77 3.77 -31.13
HAO1 Y01 D . -1.40 5.12 -29.26
HAO2 Y01 D . -2.54 6.04 -29.65
HBB Y01 D . -4.12 4.64 -28.82
HAC1 Y01 D . -3.56 2.21 -28.39
HAC2 Y01 D . -3.76 2.58 -29.84
HAC3 Y01 D . -2.34 2.46 -29.25
HBE Y01 D . -2.13 3.93 -27.02
HAP1 Y01 D . -1.40 6.15 -27.11
HAP2 Y01 D . -2.87 6.66 -27.34
HAQ1 Y01 D . -3.03 6.89 -25.10
HAQ2 Y01 D . -1.71 6.27 -24.84
HBG Y01 D . -2.49 4.17 -24.75
HBD Y01 D . -4.69 5.63 -24.12
HAE1 Y01 D . -5.83 4.86 -27.27
HAE2 Y01 D . -5.09 6.18 -26.81
HAE3 Y01 D . -5.91 5.32 -25.89
HAU1 Y01 D . -3.81 2.28 -26.03
HAU2 Y01 D . -5.07 2.77 -26.86
HAS1 Y01 D . -5.65 1.99 -24.84
HAS2 Y01 D . -6.17 3.40 -25.03
HBF Y01 D . -3.89 2.94 -23.48
HAK1 Y01 D . -2.30 5.13 -22.92
HAK2 Y01 D . -3.15 6.32 -22.84
HAI Y01 D . -3.10 5.01 -20.79
HAV1 Y01 D . -4.47 2.44 -20.13
HAV2 Y01 D . -4.77 3.70 -19.27
HBC Y01 D . -6.38 1.72 -19.23
HAD1 Y01 D . -7.33 4.75 -22.12
HAD2 Y01 D . -6.23 5.73 -22.38
HAD3 Y01 D . -6.91 4.95 -23.59
HAT1 Y01 D . -6.94 2.16 -22.92
HAT2 Y01 D . -5.75 1.65 -22.10
HAR1 Y01 D . -7.72 1.51 -20.87
HAR2 Y01 D . -8.04 2.99 -21.04
HAM1 Y01 D . -9.85 3.76 -17.73
HAM2 Y01 D . -9.88 2.51 -16.84
HAL1 Y01 D . -9.26 5.12 -16.01
HAL2 Y01 D . -8.63 4.00 -15.20
CAA Y01 E . -3.09 3.14 -43.72
CBA Y01 E . -2.79 3.09 -42.21
CAB Y01 E . -3.43 4.33 -41.56
CAN Y01 E . -3.24 1.75 -41.53
CAJ Y01 E . -2.76 1.52 -40.07
CAO Y01 E . -3.82 0.95 -39.09
CBB Y01 E . -3.47 1.15 -37.60
CAC Y01 E . -3.57 2.63 -37.18
CBE Y01 E . -4.39 0.24 -36.76
CAP Y01 E . -4.15 -1.29 -36.92
CAQ Y01 E . -4.30 -1.92 -35.55
CBG Y01 E . -5.05 -0.81 -34.87
CBI Y01 E . -4.25 0.45 -35.22
CAE Y01 E . -2.76 0.48 -34.71
CAU Y01 E . -4.92 1.69 -34.61
CAS Y01 E . -5.03 1.48 -33.12
CBF Y01 E . -5.83 0.23 -32.81
CBD Y01 E . -5.13 -1.00 -33.39
CAK Y01 E . -5.98 -2.28 -33.20
CAI Y01 E . -6.82 -2.19 -31.97
CAZ Y01 E . -6.80 -1.22 -31.03
CAV Y01 E . -7.24 -1.37 -29.56
CBH Y01 E . -5.98 -0.04 -31.31
CAD Y01 E . -4.64 -0.52 -30.76
CAT Y01 E . -6.51 1.19 -30.54
CAR Y01 E . -6.75 1.01 -29.03
CBC Y01 E . -7.75 -0.11 -28.74
OAW Y01 E . -7.84 -0.29 -27.30
HAA1 Y01 E . -2.49 2.58 -44.24
HAA2 Y01 E . -3.01 4.01 -44.11
HAA3 Y01 E . -3.98 2.84 -43.95
HBA Y01 E . -1.82 3.19 -42.11
HAB1 Y01 E . -3.26 4.39 -40.61
HAB2 Y01 E . -4.40 4.37 -41.66
HAB3 Y01 E . -3.12 5.18 -41.92
HAN1 Y01 E . -2.95 1.01 -42.08
HAN2 Y01 E . -4.21 1.69 -41.56
HAJ1 Y01 E . -2.01 0.92 -40.07
HAJ2 Y01 E . -2.42 2.34 -39.70
HAO1 Y01 E . -4.70 1.31 -39.25
HAO2 Y01 E . -3.94 0.00 -39.27
HBB Y01 E . -2.57 0.85 -37.43
HAC1 Y01 E . -3.03 2.89 -36.43
HAC2 Y01 E . -3.28 3.24 -37.87
HAC3 Y01 E . -4.47 2.90 -36.95
HBE Y01 E . -5.31 0.44 -36.97
HAP1 Y01 E . -4.79 -1.72 -37.51
HAP2 Y01 E . -3.26 -1.47 -37.25
HAQ1 Y01 E . -3.48 -2.15 -35.09
HAQ2 Y01 E . -4.76 -2.76 -35.47
HBG Y01 E . -5.97 -0.83 -35.16
HBD Y01 E . -4.21 -1.19 -33.13
HAE1 Y01 E . -2.40 1.37 -34.65
HAE2 Y01 E . -2.15 -0.10 -35.18
HAE3 Y01 E . -2.64 0.21 -33.79
HAU1 Y01 E . -5.80 1.90 -34.95
HAU2 Y01 E . -4.32 2.44 -34.73
HAS1 Y01 E . -5.34 2.34 -32.79
HAS2 Y01 E . -4.14 1.40 -32.74
HBF Y01 E . -6.65 0.32 -33.30
HAK1 Y01 E . -6.43 -2.46 -34.02
HAK2 Y01 E . -5.32 -2.99 -33.25
HAI Y01 E . -7.45 -2.88 -32.05
HAV1 Y01 E . -7.92 -2.06 -29.52
HAV2 Y01 E . -6.45 -1.71 -29.12
HBC Y01 E . -8.61 0.17 -29.11
HAD1 Y01 E . -4.67 -0.42 -29.80
HAD2 Y01 E . -4.48 -1.45 -30.87
HAD3 Y01 E . -3.87 -0.01 -31.06
HAT1 Y01 E . -5.91 1.93 -30.65
HAT2 Y01 E . -7.34 1.46 -30.96
HAR1 Y01 E . -7.12 1.83 -28.67
HAR2 Y01 E . -5.91 0.89 -28.56
#